data_7C3I
#
_entry.id   7C3I
#
_cell.length_a   116.450
_cell.length_b   170.291
_cell.length_c   119.560
_cell.angle_alpha   90.000
_cell.angle_beta   90.000
_cell.angle_gamma   90.000
#
_symmetry.space_group_name_H-M   'C 2 2 21'
#
loop_
_entity.id
_entity.type
_entity.pdbx_description
1 polymer 'L-lysine oxidase'
2 non-polymer 'FLAVIN-ADENINE DINUCLEOTIDE'
3 non-polymer 'SULFATE ION'
4 non-polymer GLYCEROL
5 non-polymer '4-(2-HYDROXYETHYL)-1-PIPERAZINE ETHANESULFONIC ACID'
6 water water
#
_entity_poly.entity_id   1
_entity_poly.type   'polypeptide(L)'
_entity_poly.pdbx_seq_one_letter_code
;AEEELPPRKVCIVGAGVSGLYIAMILDDLKIPNLTYDIFESSSRTGGRLYTHHFTDAKHDYYDIGAMRYPDIPSMKRTFN
LFKRTGMPLIKYYLDGENTPQLYNNHFFAKGVVDPYMVSVANGGTVPDDVVDSVGEKLQQAFGYYKEKLAEDFDKGFDEL
MLVDDMTTREYLKRGGPKGEAPKYDFFAIQWMETQNTGTNLFDQAFSESVIASFDFDNPTKPEWYCIEGGTSLLVDAMKE
TLVHKVQNNKRVEAISIDLDAPDDGNMSVKIGGKDYSGYSTVFNTTALGCLDRMDLRGLNLHPTQADAIRCLHYANSTKV
ALKFSYPWWIKDCGITCGGAASTDLPLRTCVYPSYNLGDTGEAVLLASYTWSQDATRIGSLVKDAPPQPPKEDELVELIL
QNLARLHAEHMTYEKIKEAYTGVYHAYCWANDPNVGGAFALFGPGQFSNLYPYLMRPAAGGKFHIVGEASSVHHAWIIGS
LESAYTAVYQFLYKYKMWDYLRLLLERWQYGLQELETGKHGTAHLQFILGSLPKEYQVKI
;
_entity_poly.pdbx_strand_id   A,B
#
loop_
_chem_comp.id
_chem_comp.type
_chem_comp.name
_chem_comp.formula
EPE non-polymer '4-(2-HYDROXYETHYL)-1-PIPERAZINE ETHANESULFONIC ACID' 'C8 H18 N2 O4 S'
FAD non-polymer 'FLAVIN-ADENINE DINUCLEOTIDE' 'C27 H33 N9 O15 P2'
GOL non-polymer GLYCEROL 'C3 H8 O3'
SO4 non-polymer 'SULFATE ION' 'O4 S -2'
#
# COMPACT_ATOMS: atom_id res chain seq x y z
N GLU A 4 -4.40 39.10 34.11
CA GLU A 4 -4.24 40.14 33.10
C GLU A 4 -4.20 39.54 31.69
N LEU A 5 -3.78 38.29 31.59
CA LEU A 5 -3.83 37.60 30.31
C LEU A 5 -5.29 37.43 29.90
N PRO A 6 -5.67 37.80 28.67
CA PRO A 6 -7.06 37.67 28.25
C PRO A 6 -7.47 36.22 28.13
N PRO A 7 -8.75 35.91 28.25
CA PRO A 7 -9.21 34.52 28.07
C PRO A 7 -8.91 34.04 26.66
N ARG A 8 -8.31 32.85 26.56
CA ARG A 8 -7.98 32.26 25.27
C ARG A 8 -8.28 30.77 25.30
N LYS A 9 -8.58 30.23 24.13
CA LYS A 9 -8.96 28.83 23.98
C LYS A 9 -8.27 28.27 22.74
N VAL A 10 -7.73 27.07 22.86
CA VAL A 10 -7.06 26.43 21.74
C VAL A 10 -7.71 25.09 21.46
N CYS A 11 -7.59 24.65 20.21
CA CYS A 11 -8.19 23.39 19.77
C CYS A 11 -7.10 22.38 19.50
N ILE A 12 -7.25 21.18 20.06
CA ILE A 12 -6.35 20.06 19.79
C ILE A 12 -7.16 19.00 19.07
N VAL A 13 -6.82 18.76 17.80
CA VAL A 13 -7.49 17.74 17.00
C VAL A 13 -6.73 16.43 17.16
N GLY A 14 -7.37 15.44 17.74
CA GLY A 14 -6.76 14.14 17.93
C GLY A 14 -6.26 13.91 19.35
N ALA A 15 -6.61 12.75 19.91
CA ALA A 15 -6.18 12.41 21.25
C ALA A 15 -5.25 11.19 21.22
N GLY A 16 -4.24 11.24 20.36
CA GLY A 16 -3.11 10.34 20.46
C GLY A 16 -2.09 10.87 21.44
N VAL A 17 -0.92 10.24 21.45
CA VAL A 17 0.10 10.66 22.39
C VAL A 17 0.55 12.09 22.10
N SER A 18 0.51 12.52 20.83
CA SER A 18 0.80 13.91 20.49
C SER A 18 -0.20 14.87 21.16
N GLY A 19 -1.49 14.68 20.87
CA GLY A 19 -2.49 15.56 21.44
C GLY A 19 -2.50 15.56 22.96
N LEU A 20 -2.31 14.38 23.56
CA LEU A 20 -2.28 14.30 25.02
C LEU A 20 -1.04 14.97 25.59
N TYR A 21 0.06 15.01 24.82
CA TYR A 21 1.28 15.65 25.30
C TYR A 21 1.16 17.17 25.26
N ILE A 22 0.46 17.71 24.26
CA ILE A 22 0.16 19.14 24.27
C ILE A 22 -0.65 19.50 25.50
N ALA A 23 -1.66 18.70 25.81
CA ALA A 23 -2.50 19.02 26.95
C ALA A 23 -1.74 18.87 28.26
N MET A 24 -0.90 17.82 28.37
CA MET A 24 -0.05 17.66 29.55
C MET A 24 0.87 18.85 29.74
N ILE A 25 1.46 19.37 28.66
CA ILE A 25 2.35 20.52 28.78
C ILE A 25 1.57 21.75 29.21
N LEU A 26 0.41 21.99 28.62
CA LEU A 26 -0.41 23.14 29.00
C LEU A 26 -0.88 23.02 30.44
N ASP A 27 -1.30 21.83 30.85
CA ASP A 27 -1.76 21.63 32.23
C ASP A 27 -0.65 21.92 33.23
N ASP A 28 0.59 21.58 32.88
CA ASP A 28 1.72 21.82 33.76
C ASP A 28 2.14 23.29 33.78
N LEU A 29 1.99 24.00 32.66
CA LEU A 29 2.36 25.41 32.64
C LEU A 29 1.35 26.27 33.40
N LYS A 30 0.08 25.87 33.43
CA LYS A 30 -0.97 26.56 34.18
C LYS A 30 -1.06 28.04 33.78
N ILE A 31 -1.27 28.25 32.48
CA ILE A 31 -1.35 29.62 31.97
C ILE A 31 -2.71 30.19 32.36
N PRO A 32 -2.75 31.33 33.06
CA PRO A 32 -4.03 31.88 33.51
C PRO A 32 -4.96 32.16 32.34
N ASN A 33 -6.22 31.75 32.50
CA ASN A 33 -7.30 31.99 31.54
C ASN A 33 -7.12 31.27 30.20
N LEU A 34 -6.27 30.25 30.15
CA LEU A 34 -6.08 29.46 28.93
C LEU A 34 -6.80 28.12 29.07
N THR A 35 -7.67 27.81 28.13
CA THR A 35 -8.36 26.53 28.09
C THR A 35 -8.16 25.89 26.73
N TYR A 36 -8.53 24.62 26.63
CA TYR A 36 -8.43 23.90 25.37
C TYR A 36 -9.60 22.95 25.22
N ASP A 37 -9.86 22.57 23.97
CA ASP A 37 -10.71 21.45 23.61
C ASP A 37 -9.85 20.44 22.88
N ILE A 38 -10.03 19.16 23.20
CA ILE A 38 -9.42 18.07 22.45
C ILE A 38 -10.53 17.19 21.91
N PHE A 39 -10.59 17.05 20.60
CA PHE A 39 -11.58 16.27 19.89
C PHE A 39 -10.91 15.03 19.32
N GLU A 40 -11.51 13.87 19.56
CA GLU A 40 -11.02 12.59 19.08
C GLU A 40 -12.11 11.95 18.22
N SER A 41 -11.77 11.63 16.96
CA SER A 41 -12.77 11.05 16.07
C SER A 41 -13.21 9.68 16.55
N SER A 42 -12.27 8.90 17.08
CA SER A 42 -12.57 7.55 17.52
C SER A 42 -13.33 7.55 18.84
N SER A 43 -14.04 6.46 19.10
CA SER A 43 -14.56 6.28 20.45
C SER A 43 -13.47 5.87 21.42
N ARG A 44 -12.31 5.47 20.93
CA ARG A 44 -11.16 5.13 21.74
C ARG A 44 -10.16 6.29 21.75
N THR A 45 -9.48 6.45 22.87
CA THR A 45 -8.41 7.44 23.02
C THR A 45 -7.06 6.73 23.04
N GLY A 46 -6.07 7.31 22.36
CA GLY A 46 -4.74 6.73 22.37
C GLY A 46 -4.07 6.64 21.01
N GLY A 47 -4.89 6.50 19.95
CA GLY A 47 -4.32 6.46 18.61
C GLY A 47 -3.47 5.23 18.39
N ARG A 48 -2.25 5.43 17.92
CA ARG A 48 -1.34 4.32 17.65
C ARG A 48 -0.63 3.80 18.90
N LEU A 49 -1.06 4.25 20.08
CA LEU A 49 -0.82 3.54 21.34
C LEU A 49 -2.08 2.74 21.63
N TYR A 50 -2.00 1.41 21.55
CA TYR A 50 -3.21 0.60 21.47
C TYR A 50 -2.86 -0.84 21.87
N THR A 51 -3.10 -1.16 23.14
CA THR A 51 -2.94 -2.51 23.63
C THR A 51 -4.26 -3.25 23.52
N HIS A 52 -4.23 -4.45 22.93
CA HIS A 52 -5.37 -5.34 22.89
C HIS A 52 -5.25 -6.34 24.04
N HIS A 53 -6.26 -6.35 24.91
CA HIS A 53 -6.26 -7.26 26.05
C HIS A 53 -7.16 -8.43 25.73
N PHE A 54 -6.58 -9.65 25.75
CA PHE A 54 -7.30 -10.90 25.48
C PHE A 54 -8.15 -11.36 26.65
N THR A 55 -7.77 -11.01 27.88
CA THR A 55 -8.62 -10.98 29.08
C THR A 55 -8.06 -9.89 29.98
N ASP A 56 -8.57 -9.82 31.21
CA ASP A 56 -7.93 -8.99 32.23
C ASP A 56 -6.77 -9.72 32.92
N ALA A 57 -6.45 -10.94 32.51
CA ALA A 57 -5.27 -11.61 33.04
C ALA A 57 -4.03 -10.78 32.81
N LYS A 58 -3.02 -11.05 33.64
CA LYS A 58 -1.91 -10.12 33.82
C LYS A 58 -1.12 -9.90 32.53
N HIS A 59 -0.78 -10.98 31.82
CA HIS A 59 0.04 -10.90 30.62
C HIS A 59 -0.73 -11.25 29.35
N ASP A 60 -2.05 -11.17 29.39
CA ASP A 60 -2.89 -11.67 28.31
C ASP A 60 -3.22 -10.56 27.31
N TYR A 61 -2.18 -10.03 26.67
CA TYR A 61 -2.34 -8.88 25.80
C TYR A 61 -1.24 -8.88 24.74
N TYR A 62 -1.42 -8.03 23.73
CA TYR A 62 -0.32 -7.61 22.88
C TYR A 62 -0.55 -6.17 22.47
N ASP A 63 0.51 -5.50 22.05
CA ASP A 63 0.44 -4.11 21.64
C ASP A 63 0.28 -4.04 20.13
N ILE A 64 -0.86 -3.50 19.68
CA ILE A 64 -1.14 -3.34 18.25
C ILE A 64 -0.26 -2.22 17.66
N GLY A 65 -0.03 -1.16 18.42
CA GLY A 65 0.84 -0.09 17.99
C GLY A 65 2.19 -0.15 18.68
N ALA A 66 2.60 0.95 19.33
CA ALA A 66 3.92 1.01 19.92
C ALA A 66 4.11 -0.04 21.00
N MET A 67 5.31 -0.63 21.06
CA MET A 67 5.56 -1.66 22.06
C MET A 67 6.98 -1.71 22.63
N ARG A 68 7.96 -1.03 22.03
CA ARG A 68 9.34 -1.23 22.45
C ARG A 68 10.13 0.07 22.29
N TYR A 69 11.07 0.31 23.22
CA TYR A 69 11.71 1.61 23.31
C TYR A 69 13.20 1.48 23.59
N PRO A 70 14.07 1.87 22.66
CA PRO A 70 15.52 1.78 22.89
C PRO A 70 15.99 2.96 23.73
N ASP A 71 16.79 2.67 24.76
CA ASP A 71 17.29 3.71 25.66
C ASP A 71 18.54 4.34 25.03
N ILE A 72 18.30 5.19 24.03
CA ILE A 72 19.37 5.94 23.37
C ILE A 72 19.13 7.41 23.66
N PRO A 73 20.15 8.27 23.56
CA PRO A 73 19.97 9.68 23.96
C PRO A 73 18.90 10.42 23.17
N SER A 74 18.72 10.11 21.89
CA SER A 74 17.74 10.84 21.08
C SER A 74 16.30 10.50 21.43
N MET A 75 16.05 9.61 22.40
CA MET A 75 14.70 9.31 22.85
C MET A 75 14.52 9.59 24.33
N LYS A 76 15.32 10.50 24.89
CA LYS A 76 15.21 10.80 26.31
C LYS A 76 13.86 11.43 26.65
N ARG A 77 13.27 12.19 25.72
CA ARG A 77 11.97 12.79 26.00
C ARG A 77 10.92 11.71 26.21
N THR A 78 11.01 10.60 25.46
CA THR A 78 10.05 9.51 25.63
C THR A 78 10.21 8.89 27.00
N PHE A 79 11.46 8.65 27.38
CA PHE A 79 11.74 8.06 28.67
C PHE A 79 11.42 9.02 29.83
N ASN A 80 11.51 10.32 29.58
CA ASN A 80 11.06 11.31 30.56
C ASN A 80 9.54 11.25 30.73
N LEU A 81 8.80 11.02 29.64
CA LEU A 81 7.35 10.88 29.77
C LEU A 81 7.00 9.62 30.54
N PHE A 82 7.78 8.55 30.37
CA PHE A 82 7.57 7.32 31.13
C PHE A 82 7.75 7.55 32.62
N LYS A 83 8.85 8.21 33.00
CA LYS A 83 9.10 8.49 34.42
C LYS A 83 8.07 9.46 34.98
N ARG A 84 7.70 10.48 34.21
CA ARG A 84 6.69 11.41 34.69
C ARG A 84 5.37 10.72 35.01
N THR A 85 5.03 9.67 34.25
CA THR A 85 3.76 8.99 34.42
C THR A 85 3.87 7.68 35.21
N GLY A 86 5.07 7.36 35.71
CA GLY A 86 5.25 6.16 36.51
C GLY A 86 5.03 4.86 35.76
N MET A 87 5.42 4.82 34.48
CA MET A 87 5.22 3.60 33.69
C MET A 87 6.06 2.46 34.26
N PRO A 88 5.49 1.26 34.43
CA PRO A 88 6.29 0.11 34.86
C PRO A 88 7.13 -0.47 33.74
N LEU A 89 8.39 -0.06 33.63
CA LEU A 89 9.24 -0.54 32.56
C LEU A 89 9.91 -1.84 32.94
N ILE A 90 9.97 -2.76 31.97
CA ILE A 90 10.75 -3.97 32.07
C ILE A 90 11.60 -4.06 30.81
N LYS A 91 12.67 -4.84 30.88
CA LYS A 91 13.55 -4.95 29.74
C LYS A 91 12.85 -5.70 28.61
N TYR A 92 13.11 -5.25 27.38
CA TYR A 92 12.62 -5.89 26.17
C TYR A 92 13.82 -6.49 25.44
N TYR A 93 13.66 -7.71 24.95
CA TYR A 93 14.76 -8.42 24.29
C TYR A 93 14.57 -8.34 22.77
N LEU A 94 15.33 -7.44 22.14
CA LEU A 94 15.30 -7.34 20.68
C LEU A 94 15.87 -8.60 20.04
N ASP A 95 17.04 -9.03 20.52
CA ASP A 95 17.62 -10.31 20.15
C ASP A 95 17.54 -11.24 21.36
N GLY A 96 17.20 -12.50 21.11
CA GLY A 96 17.09 -13.47 22.18
C GLY A 96 17.93 -14.70 21.91
N GLU A 97 17.54 -15.82 22.52
CA GLU A 97 18.27 -17.07 22.37
C GLU A 97 17.49 -18.04 21.50
N ASN A 98 18.20 -18.69 20.58
CA ASN A 98 17.68 -19.83 19.81
C ASN A 98 16.52 -19.44 18.90
N THR A 99 16.46 -18.18 18.49
CA THR A 99 15.39 -17.80 17.57
C THR A 99 15.73 -18.26 16.16
N PRO A 100 14.84 -18.98 15.49
CA PRO A 100 15.15 -19.50 14.15
C PRO A 100 15.02 -18.43 13.08
N GLN A 101 15.79 -18.62 12.00
CA GLN A 101 15.69 -17.79 10.81
C GLN A 101 15.60 -18.71 9.60
N LEU A 102 14.60 -18.49 8.74
CA LEU A 102 14.23 -19.44 7.70
C LEU A 102 14.07 -18.74 6.36
N TYR A 103 15.02 -18.97 5.45
CA TYR A 103 14.94 -18.42 4.10
C TYR A 103 15.21 -19.53 3.09
N ASN A 104 14.43 -19.51 2.00
CA ASN A 104 14.54 -20.54 0.96
C ASN A 104 14.45 -21.95 1.54
N ASN A 105 13.60 -22.11 2.56
CA ASN A 105 13.34 -23.39 3.22
C ASN A 105 14.57 -23.97 3.89
N HIS A 106 15.51 -23.10 4.30
CA HIS A 106 16.71 -23.51 5.01
C HIS A 106 16.83 -22.70 6.28
N PHE A 107 17.37 -23.32 7.33
CA PHE A 107 17.58 -22.63 8.61
C PHE A 107 18.98 -22.03 8.68
N PHE A 108 19.08 -20.86 9.30
CA PHE A 108 20.37 -20.22 9.48
C PHE A 108 21.23 -21.01 10.46
N ALA A 109 22.54 -20.96 10.24
CA ALA A 109 23.51 -21.50 11.19
C ALA A 109 24.79 -20.69 11.03
N LYS A 110 25.29 -20.15 12.15
CA LYS A 110 26.46 -19.29 12.11
C LYS A 110 27.69 -20.05 11.63
N GLY A 111 28.54 -19.36 10.88
CA GLY A 111 29.74 -19.99 10.33
C GLY A 111 29.51 -20.84 9.11
N VAL A 112 28.28 -20.97 8.64
CA VAL A 112 27.99 -21.73 7.42
C VAL A 112 28.01 -20.77 6.24
N VAL A 113 28.66 -21.17 5.15
CA VAL A 113 28.69 -20.36 3.94
C VAL A 113 27.39 -20.59 3.18
N ASP A 114 26.65 -19.52 2.90
CA ASP A 114 25.40 -19.57 2.17
C ASP A 114 24.46 -20.65 2.71
N PRO A 115 24.09 -20.58 3.99
CA PRO A 115 23.19 -21.61 4.54
C PRO A 115 21.84 -21.68 3.82
N TYR A 116 21.37 -20.57 3.26
CA TYR A 116 20.07 -20.52 2.62
C TYR A 116 20.10 -21.00 1.17
N MET A 117 21.28 -21.30 0.62
CA MET A 117 21.41 -21.82 -0.76
C MET A 117 20.87 -20.84 -1.79
N VAL A 118 21.16 -19.55 -1.61
CA VAL A 118 20.72 -18.54 -2.56
C VAL A 118 21.86 -17.96 -3.38
N SER A 119 23.12 -18.33 -3.10
CA SER A 119 24.24 -17.75 -3.82
C SER A 119 24.32 -18.30 -5.24
N VAL A 120 25.04 -17.56 -6.08
CA VAL A 120 25.29 -18.00 -7.46
C VAL A 120 25.91 -19.39 -7.47
N ALA A 121 26.81 -19.65 -6.53
CA ALA A 121 27.51 -20.94 -6.51
C ALA A 121 26.57 -22.11 -6.24
N ASN A 122 25.38 -21.86 -5.68
CA ASN A 122 24.47 -22.93 -5.30
C ASN A 122 23.17 -22.91 -6.10
N GLY A 123 23.14 -22.20 -7.22
CA GLY A 123 21.98 -22.18 -8.08
C GLY A 123 21.09 -20.95 -7.95
N GLY A 124 21.31 -20.11 -6.95
CA GLY A 124 20.59 -18.86 -6.84
C GLY A 124 21.24 -17.75 -7.65
N THR A 125 20.78 -16.53 -7.42
CA THR A 125 21.30 -15.37 -8.13
C THR A 125 21.94 -14.33 -7.20
N VAL A 126 22.09 -14.62 -5.91
CA VAL A 126 22.73 -13.68 -4.99
C VAL A 126 24.25 -13.80 -5.14
N PRO A 127 24.96 -12.71 -5.44
CA PRO A 127 26.41 -12.80 -5.62
C PRO A 127 27.10 -13.36 -4.38
N ASP A 128 28.13 -14.19 -4.63
CA ASP A 128 28.81 -14.90 -3.56
C ASP A 128 29.37 -13.94 -2.51
N ASP A 129 29.93 -12.80 -2.93
CA ASP A 129 30.56 -11.88 -2.00
C ASP A 129 29.57 -11.06 -1.19
N VAL A 130 28.26 -11.18 -1.46
CA VAL A 130 27.24 -10.45 -0.72
C VAL A 130 26.46 -11.35 0.24
N VAL A 131 26.36 -12.65 -0.05
CA VAL A 131 25.33 -13.49 0.55
C VAL A 131 25.48 -13.57 2.06
N ASP A 132 26.71 -13.57 2.56
CA ASP A 132 26.96 -13.72 3.99
C ASP A 132 27.41 -12.43 4.66
N SER A 133 27.47 -11.32 3.93
CA SER A 133 28.06 -10.08 4.44
C SER A 133 27.10 -8.90 4.27
N VAL A 134 25.81 -9.15 4.42
CA VAL A 134 24.82 -8.07 4.26
C VAL A 134 24.99 -7.03 5.36
N GLY A 135 25.15 -7.48 6.61
CA GLY A 135 25.32 -6.54 7.70
C GLY A 135 26.53 -5.66 7.54
N GLU A 136 27.67 -6.27 7.17
CA GLU A 136 28.88 -5.50 6.88
C GLU A 136 28.66 -4.50 5.76
N LYS A 137 27.99 -4.92 4.69
CA LYS A 137 27.88 -4.04 3.53
C LYS A 137 26.86 -2.92 3.75
N LEU A 138 25.80 -3.18 4.52
CA LEU A 138 24.87 -2.11 4.87
C LEU A 138 25.49 -1.17 5.90
N GLN A 139 26.26 -1.71 6.84
CA GLN A 139 26.99 -0.87 7.78
C GLN A 139 27.95 0.08 7.05
N GLN A 140 28.57 -0.40 5.97
CA GLN A 140 29.42 0.48 5.18
C GLN A 140 28.61 1.53 4.44
N ALA A 141 27.38 1.21 4.02
CA ALA A 141 26.56 2.20 3.33
C ALA A 141 25.92 3.18 4.29
N PHE A 142 25.55 2.74 5.50
CA PHE A 142 24.88 3.60 6.48
C PHE A 142 25.82 4.20 7.51
N GLY A 143 27.02 3.64 7.68
CA GLY A 143 27.76 3.84 8.91
C GLY A 143 28.19 5.27 9.15
N TYR A 144 28.73 5.91 8.11
CA TYR A 144 29.17 7.30 8.23
C TYR A 144 28.04 8.17 8.77
N TYR A 145 26.84 8.04 8.21
CA TYR A 145 25.73 8.88 8.62
C TYR A 145 25.21 8.47 10.01
N LYS A 146 25.24 7.18 10.32
CA LYS A 146 24.80 6.73 11.63
C LYS A 146 25.66 7.34 12.75
N GLU A 147 26.97 7.42 12.53
CA GLU A 147 27.83 7.98 13.56
C GLU A 147 27.69 9.49 13.67
N LYS A 148 27.44 10.17 12.54
CA LYS A 148 27.10 11.59 12.60
C LYS A 148 25.81 11.81 13.38
N LEU A 149 24.83 10.92 13.19
CA LEU A 149 23.59 11.02 13.96
C LEU A 149 23.82 10.73 15.44
N ALA A 150 24.83 9.93 15.78
CA ALA A 150 25.11 9.64 17.17
C ALA A 150 25.76 10.82 17.89
N GLU A 151 26.59 11.59 17.18
CA GLU A 151 27.17 12.80 17.76
C GLU A 151 26.08 13.83 18.04
N ASP A 152 25.41 14.31 16.99
CA ASP A 152 24.33 15.27 17.11
C ASP A 152 23.28 14.91 16.07
N PHE A 153 22.08 14.52 16.51
CA PHE A 153 21.10 13.99 15.58
C PHE A 153 20.74 15.03 14.52
N ASP A 154 20.50 16.27 14.93
CA ASP A 154 20.04 17.28 13.97
C ASP A 154 21.16 17.66 13.00
N LYS A 155 22.40 17.74 13.47
CA LYS A 155 23.51 17.99 12.55
C LYS A 155 23.69 16.81 11.60
N GLY A 156 23.66 15.59 12.14
CA GLY A 156 23.76 14.42 11.28
C GLY A 156 22.61 14.32 10.30
N PHE A 157 21.41 14.75 10.72
CA PHE A 157 20.28 14.82 9.81
C PHE A 157 20.54 15.81 8.68
N ASP A 158 20.98 17.03 9.04
CA ASP A 158 21.24 18.07 8.04
C ASP A 158 22.23 17.59 6.99
N GLU A 159 23.26 16.85 7.41
CA GLU A 159 24.23 16.31 6.46
C GLU A 159 23.64 15.13 5.68
N LEU A 160 22.83 14.31 6.34
CA LEU A 160 22.15 13.23 5.64
C LEU A 160 21.25 13.75 4.52
N MET A 161 20.68 14.94 4.71
CA MET A 161 19.78 15.51 3.71
C MET A 161 20.47 15.81 2.40
N LEU A 162 21.80 15.95 2.41
CA LEU A 162 22.54 16.20 1.17
C LEU A 162 22.56 15.00 0.23
N VAL A 163 22.11 13.81 0.67
CA VAL A 163 21.93 12.68 -0.23
C VAL A 163 20.48 12.17 -0.20
N ASP A 164 19.52 13.03 0.18
CA ASP A 164 18.14 12.59 0.35
C ASP A 164 17.41 12.38 -0.98
N ASP A 165 18.00 12.80 -2.10
CA ASP A 165 17.35 12.58 -3.40
C ASP A 165 17.32 11.11 -3.78
N MET A 166 18.13 10.26 -3.14
CA MET A 166 18.31 8.88 -3.55
C MET A 166 17.47 7.92 -2.71
N THR A 167 16.96 6.87 -3.35
CA THR A 167 16.44 5.72 -2.64
C THR A 167 17.59 4.87 -2.12
N THR A 168 17.27 3.96 -1.20
CA THR A 168 18.27 3.02 -0.70
C THR A 168 18.85 2.21 -1.86
N ARG A 169 17.97 1.65 -2.69
CA ARG A 169 18.42 0.88 -3.85
C ARG A 169 19.33 1.72 -4.75
N GLU A 170 18.96 2.97 -5.00
CA GLU A 170 19.72 3.83 -5.90
C GLU A 170 21.10 4.14 -5.33
N TYR A 171 21.18 4.38 -4.02
CA TYR A 171 22.48 4.59 -3.38
C TYR A 171 23.37 3.36 -3.53
N LEU A 172 22.79 2.17 -3.37
CA LEU A 172 23.57 0.93 -3.50
C LEU A 172 23.95 0.63 -4.94
N LYS A 173 23.07 0.98 -5.89
CA LYS A 173 23.33 0.69 -7.29
C LYS A 173 24.44 1.57 -7.85
N ARG A 174 24.43 2.87 -7.52
CA ARG A 174 25.37 3.82 -8.10
C ARG A 174 26.62 4.01 -7.26
N GLY A 175 26.69 3.38 -6.09
CA GLY A 175 27.83 3.61 -5.20
C GLY A 175 27.83 4.99 -4.57
N GLY A 176 26.68 5.45 -4.11
CA GLY A 176 26.58 6.75 -3.48
C GLY A 176 26.44 7.88 -4.49
N PRO A 177 26.57 9.12 -4.01
CA PRO A 177 26.27 10.28 -4.85
C PRO A 177 27.30 10.57 -5.94
N LYS A 178 28.52 10.03 -5.86
CA LYS A 178 29.50 10.26 -6.91
C LYS A 178 30.22 8.97 -7.33
N GLY A 179 29.69 7.81 -6.97
CA GLY A 179 30.19 6.55 -7.48
C GLY A 179 31.44 6.03 -6.80
N GLU A 180 31.81 6.56 -5.64
CA GLU A 180 33.04 6.12 -4.98
C GLU A 180 32.79 5.13 -3.87
N ALA A 181 31.55 4.72 -3.65
CA ALA A 181 31.21 3.60 -2.80
C ALA A 181 31.00 2.35 -3.65
N PRO A 182 30.99 1.15 -3.04
CA PRO A 182 30.73 -0.05 -3.84
C PRO A 182 29.39 0.02 -4.56
N LYS A 183 29.37 -0.52 -5.78
CA LYS A 183 28.16 -0.61 -6.59
C LYS A 183 27.65 -2.04 -6.58
N TYR A 184 26.33 -2.20 -6.48
CA TYR A 184 25.72 -3.52 -6.35
C TYR A 184 24.68 -3.74 -7.44
N ASP A 185 24.64 -4.98 -7.95
CA ASP A 185 23.63 -5.32 -8.95
C ASP A 185 22.31 -5.65 -8.27
N PHE A 186 21.27 -5.82 -9.09
CA PHE A 186 19.91 -5.91 -8.59
C PHE A 186 19.74 -6.98 -7.52
N PHE A 187 20.35 -8.15 -7.73
CA PHE A 187 20.09 -9.27 -6.84
C PHE A 187 20.78 -9.11 -5.49
N ALA A 188 21.95 -8.48 -5.45
CA ALA A 188 22.60 -8.18 -4.17
C ALA A 188 21.74 -7.22 -3.36
N ILE A 189 21.28 -6.13 -3.99
CA ILE A 189 20.39 -5.19 -3.30
C ILE A 189 19.12 -5.91 -2.86
N GLN A 190 18.57 -6.76 -3.72
CA GLN A 190 17.36 -7.50 -3.39
C GLN A 190 17.54 -8.34 -2.13
N TRP A 191 18.70 -8.98 -2.00
CA TRP A 191 18.95 -9.83 -0.83
C TRP A 191 19.19 -8.98 0.42
N MET A 192 19.87 -7.84 0.27
CA MET A 192 20.03 -6.91 1.38
C MET A 192 18.67 -6.44 1.90
N GLU A 193 17.78 -6.03 0.99
CA GLU A 193 16.43 -5.67 1.39
C GLU A 193 15.74 -6.81 2.12
N THR A 194 15.79 -8.01 1.53
CA THR A 194 15.14 -9.17 2.13
C THR A 194 15.68 -9.45 3.53
N GLN A 195 16.99 -9.26 3.72
CA GLN A 195 17.61 -9.51 5.01
C GLN A 195 17.50 -8.34 5.99
N ASN A 196 17.08 -7.16 5.55
CA ASN A 196 17.12 -5.96 6.38
C ASN A 196 15.75 -5.40 6.74
N THR A 197 14.75 -5.50 5.88
CA THR A 197 13.52 -4.75 6.10
C THR A 197 12.38 -5.41 5.33
N GLY A 198 11.29 -4.67 5.11
CA GLY A 198 10.12 -5.21 4.46
C GLY A 198 10.18 -5.10 2.95
N THR A 199 9.41 -5.97 2.30
CA THR A 199 9.42 -6.05 0.83
C THR A 199 9.18 -4.67 0.21
N ASN A 200 10.04 -4.29 -0.72
CA ASN A 200 10.02 -3.07 -1.54
C ASN A 200 10.47 -1.81 -0.78
N LEU A 201 10.90 -1.89 0.48
CA LEU A 201 11.20 -0.67 1.21
C LEU A 201 12.50 -0.01 0.80
N PHE A 202 13.40 -0.73 0.14
CA PHE A 202 14.60 -0.09 -0.39
C PHE A 202 14.31 0.84 -1.56
N ASP A 203 13.07 0.87 -2.03
CA ASP A 203 12.68 1.83 -3.05
C ASP A 203 12.09 3.11 -2.45
N GLN A 204 12.10 3.21 -1.12
CA GLN A 204 11.84 4.48 -0.44
C GLN A 204 13.17 5.15 -0.11
N ALA A 205 13.13 6.18 0.73
CA ALA A 205 14.26 7.08 0.87
C ALA A 205 15.47 6.38 1.50
N PHE A 206 16.65 6.67 0.96
CA PHE A 206 17.88 6.19 1.59
C PHE A 206 18.01 6.73 3.01
N SER A 207 17.62 7.99 3.22
CA SER A 207 17.70 8.57 4.55
C SER A 207 16.83 7.84 5.56
N GLU A 208 15.70 7.27 5.13
CA GLU A 208 14.85 6.53 6.06
C GLU A 208 15.48 5.20 6.46
N SER A 209 16.14 4.53 5.50
CA SER A 209 16.85 3.30 5.83
C SER A 209 18.03 3.57 6.77
N VAL A 210 18.68 4.72 6.64
CA VAL A 210 19.76 5.09 7.56
C VAL A 210 19.20 5.34 8.95
N ILE A 211 18.12 6.12 9.05
CA ILE A 211 17.54 6.45 10.34
C ILE A 211 16.97 5.20 11.00
N ALA A 212 16.36 4.30 10.22
CA ALA A 212 15.87 3.05 10.78
C ALA A 212 17.03 2.20 11.31
N SER A 213 18.11 2.09 10.55
CA SER A 213 19.29 1.38 11.05
C SER A 213 19.85 2.06 12.29
N PHE A 214 19.79 3.39 12.33
CA PHE A 214 20.28 4.11 13.50
C PHE A 214 19.47 3.80 14.75
N ASP A 215 18.17 3.58 14.60
CA ASP A 215 17.32 3.33 15.76
C ASP A 215 17.32 1.86 16.18
N PHE A 216 17.27 0.94 15.23
CA PHE A 216 17.24 -0.48 15.55
C PHE A 216 18.62 -1.09 15.75
N ASP A 217 19.66 -0.45 15.24
CA ASP A 217 21.02 -0.96 15.32
C ASP A 217 21.95 0.18 15.73
N ASN A 218 21.65 0.78 16.87
CA ASN A 218 22.35 2.01 17.26
C ASN A 218 23.78 1.69 17.70
N PRO A 219 24.74 2.55 17.37
CA PRO A 219 26.14 2.29 17.74
C PRO A 219 26.38 2.13 19.24
N THR A 220 25.52 2.69 20.09
CA THR A 220 25.72 2.58 21.54
C THR A 220 25.28 1.23 22.10
N LYS A 221 24.73 0.32 21.26
CA LYS A 221 24.28 -0.99 21.69
C LYS A 221 23.33 -0.88 22.89
N PRO A 222 22.17 -0.25 22.74
CA PRO A 222 21.40 0.16 23.92
C PRO A 222 20.57 -0.97 24.50
N GLU A 223 20.11 -0.72 25.73
CA GLU A 223 19.04 -1.51 26.33
C GLU A 223 17.69 -1.11 25.75
N TRP A 224 16.82 -2.09 25.58
CA TRP A 224 15.46 -1.87 25.11
C TRP A 224 14.48 -2.09 26.27
N TYR A 225 13.33 -1.42 26.20
CA TYR A 225 12.33 -1.54 27.25
C TYR A 225 10.94 -1.67 26.66
N CYS A 226 10.04 -2.27 27.43
CA CYS A 226 8.62 -2.26 27.15
C CYS A 226 7.89 -1.96 28.45
N ILE A 227 6.60 -1.65 28.31
CA ILE A 227 5.77 -1.28 29.44
C ILE A 227 5.02 -2.52 29.89
N GLU A 228 5.30 -2.97 31.11
CA GLU A 228 4.61 -4.14 31.66
C GLU A 228 3.13 -3.82 31.85
N GLY A 229 2.28 -4.58 31.18
CA GLY A 229 0.86 -4.26 31.11
C GLY A 229 0.43 -3.61 29.82
N GLY A 230 1.35 -3.32 28.91
CA GLY A 230 1.01 -2.76 27.63
C GLY A 230 1.12 -1.25 27.60
N THR A 231 1.32 -0.73 26.38
CA THR A 231 1.54 0.70 26.18
C THR A 231 0.31 1.53 26.55
N SER A 232 -0.89 0.95 26.50
CA SER A 232 -2.10 1.70 26.80
C SER A 232 -2.12 2.23 28.24
N LEU A 233 -1.32 1.64 29.14
CA LEU A 233 -1.17 2.19 30.48
C LEU A 233 -0.67 3.63 30.41
N LEU A 234 0.12 3.97 29.40
CA LEU A 234 0.57 5.34 29.23
C LEU A 234 -0.60 6.26 28.85
N VAL A 235 -1.46 5.82 27.91
CA VAL A 235 -2.61 6.61 27.53
C VAL A 235 -3.49 6.85 28.74
N ASP A 236 -3.69 5.80 29.53
CA ASP A 236 -4.49 5.90 30.73
C ASP A 236 -3.97 6.99 31.67
N ALA A 237 -2.66 6.94 31.98
CA ALA A 237 -2.08 7.92 32.90
C ALA A 237 -2.18 9.34 32.35
N MET A 238 -1.97 9.51 31.05
CA MET A 238 -2.08 10.85 30.46
C MET A 238 -3.52 11.34 30.47
N LYS A 239 -4.48 10.44 30.30
CA LYS A 239 -5.89 10.82 30.32
C LYS A 239 -6.30 11.38 31.68
N GLU A 240 -5.82 10.78 32.77
CA GLU A 240 -6.36 11.13 34.07
C GLU A 240 -5.93 12.50 34.55
N THR A 241 -4.76 12.95 34.19
CA THR A 241 -4.31 14.25 34.62
C THR A 241 -4.97 15.39 33.85
N LEU A 242 -5.79 15.10 32.84
CA LEU A 242 -6.27 16.16 31.95
C LEU A 242 -7.22 17.10 32.68
N VAL A 243 -6.97 18.40 32.55
CA VAL A 243 -7.89 19.40 33.09
C VAL A 243 -9.20 19.40 32.31
N HIS A 244 -9.11 19.30 30.98
CA HIS A 244 -10.27 19.17 30.11
C HIS A 244 -10.22 17.80 29.45
N LYS A 245 -11.26 16.99 29.70
CA LYS A 245 -11.26 15.61 29.25
C LYS A 245 -11.44 15.52 27.74
N VAL A 246 -10.98 14.40 27.18
CA VAL A 246 -11.12 14.16 25.76
C VAL A 246 -12.59 14.00 25.39
N GLN A 247 -13.00 14.64 24.29
CA GLN A 247 -14.34 14.48 23.73
C GLN A 247 -14.22 13.50 22.57
N ASN A 248 -14.69 12.28 22.79
CA ASN A 248 -14.59 11.22 21.79
C ASN A 248 -15.75 11.31 20.80
N ASN A 249 -15.63 10.57 19.70
CA ASN A 249 -16.63 10.56 18.63
C ASN A 249 -16.83 11.94 18.03
N LYS A 250 -15.77 12.74 17.99
CA LYS A 250 -15.80 14.11 17.47
C LYS A 250 -14.81 14.20 16.33
N ARG A 251 -15.27 13.94 15.11
CA ARG A 251 -14.41 13.93 13.94
C ARG A 251 -14.42 15.32 13.28
N VAL A 252 -13.26 15.97 13.29
CA VAL A 252 -13.13 17.26 12.63
C VAL A 252 -13.07 17.04 11.12
N GLU A 253 -13.84 17.83 10.37
CA GLU A 253 -13.88 17.72 8.92
C GLU A 253 -13.52 19.02 8.23
N ALA A 254 -13.29 20.10 8.99
CA ALA A 254 -12.95 21.38 8.41
C ALA A 254 -12.27 22.23 9.47
N ILE A 255 -11.21 22.92 9.08
CA ILE A 255 -10.52 23.88 9.93
C ILE A 255 -10.42 25.19 9.16
N SER A 256 -10.58 26.30 9.87
CA SER A 256 -10.63 27.59 9.19
C SER A 256 -10.23 28.69 10.16
N ILE A 257 -9.86 29.83 9.58
CA ILE A 257 -9.62 31.06 10.32
C ILE A 257 -10.32 32.19 9.57
N ASP A 258 -10.92 33.10 10.32
CA ASP A 258 -11.61 34.27 9.74
C ASP A 258 -10.67 35.46 9.87
N LEU A 259 -9.97 35.78 8.79
CA LEU A 259 -8.91 36.79 8.84
C LEU A 259 -9.46 38.21 8.95
N ASP A 260 -10.75 38.42 8.65
CA ASP A 260 -11.35 39.73 8.84
C ASP A 260 -11.70 40.01 10.30
N ALA A 261 -11.63 39.00 11.16
CA ALA A 261 -11.95 39.20 12.58
C ALA A 261 -10.71 39.68 13.32
N PRO A 262 -10.85 40.69 14.18
CA PRO A 262 -9.66 41.22 14.90
C PRO A 262 -9.26 40.41 16.11
N ASP A 263 -10.11 39.51 16.59
CA ASP A 263 -9.85 38.79 17.83
C ASP A 263 -8.73 37.76 17.67
N ASP A 264 -8.10 37.41 18.79
CA ASP A 264 -7.22 36.25 18.80
C ASP A 264 -7.98 34.98 18.46
N GLY A 265 -9.17 34.81 19.04
CA GLY A 265 -9.94 33.59 18.86
C GLY A 265 -10.75 33.57 17.58
N ASN A 266 -10.08 33.67 16.42
CA ASN A 266 -10.75 33.78 15.13
C ASN A 266 -10.68 32.50 14.33
N MET A 267 -10.40 31.36 14.98
CA MET A 267 -10.34 30.08 14.31
C MET A 267 -11.52 29.22 14.73
N SER A 268 -11.92 28.31 13.84
CA SER A 268 -13.03 27.43 14.08
C SER A 268 -12.76 26.07 13.44
N VAL A 269 -13.45 25.06 13.95
CA VAL A 269 -13.47 23.74 13.33
C VAL A 269 -14.92 23.31 13.15
N LYS A 270 -15.16 22.48 12.15
CA LYS A 270 -16.49 21.94 11.90
C LYS A 270 -16.49 20.45 12.25
N ILE A 271 -17.45 20.04 13.07
CA ILE A 271 -17.62 18.64 13.45
C ILE A 271 -19.05 18.23 13.17
N GLY A 272 -19.23 17.25 12.29
CA GLY A 272 -20.55 16.78 11.93
C GLY A 272 -21.48 17.90 11.53
N GLY A 273 -21.01 18.77 10.65
CA GLY A 273 -21.79 19.90 10.18
C GLY A 273 -21.92 21.06 11.15
N LYS A 274 -21.48 20.93 12.40
CA LYS A 274 -21.65 21.97 13.40
C LYS A 274 -20.34 22.75 13.61
N ASP A 275 -20.48 24.06 13.83
CA ASP A 275 -19.36 24.97 13.97
C ASP A 275 -18.91 25.04 15.43
N TYR A 276 -17.60 24.94 15.64
CA TYR A 276 -16.98 25.16 16.95
C TYR A 276 -15.89 26.22 16.77
N SER A 277 -16.12 27.41 17.31
CA SER A 277 -15.23 28.55 17.06
C SER A 277 -14.64 29.07 18.36
N GLY A 278 -13.97 30.23 18.26
CA GLY A 278 -13.38 30.91 19.38
C GLY A 278 -11.94 30.57 19.69
N TYR A 279 -11.25 29.88 18.79
CA TYR A 279 -9.92 29.34 19.08
C TYR A 279 -8.83 30.30 18.63
N SER A 280 -7.78 30.40 19.44
CA SER A 280 -6.63 31.24 19.17
C SER A 280 -5.52 30.49 18.44
N THR A 281 -5.61 29.17 18.38
CA THR A 281 -4.62 28.31 17.75
C THR A 281 -5.24 26.92 17.63
N VAL A 282 -4.92 26.23 16.53
CA VAL A 282 -5.40 24.87 16.30
C VAL A 282 -4.20 23.95 16.10
N PHE A 283 -4.11 22.90 16.91
CA PHE A 283 -3.10 21.86 16.76
C PHE A 283 -3.76 20.65 16.13
N ASN A 284 -3.39 20.34 14.90
CA ASN A 284 -3.81 19.08 14.28
C ASN A 284 -2.76 18.03 14.53
N THR A 285 -3.15 16.94 15.18
CA THR A 285 -2.23 15.86 15.51
C THR A 285 -2.56 14.57 14.75
N THR A 286 -3.48 14.63 13.79
CA THR A 286 -3.87 13.43 13.06
C THR A 286 -2.78 13.02 12.08
N ALA A 287 -2.85 11.75 11.68
CA ALA A 287 -2.12 11.29 10.51
C ALA A 287 -2.48 12.17 9.31
N LEU A 288 -1.52 12.33 8.39
CA LEU A 288 -1.71 13.29 7.31
C LEU A 288 -2.84 12.88 6.38
N GLY A 289 -3.12 11.58 6.26
CA GLY A 289 -4.24 11.15 5.44
C GLY A 289 -5.57 11.69 5.94
N CYS A 290 -5.75 11.74 7.26
CA CYS A 290 -6.97 12.28 7.85
C CYS A 290 -7.04 13.80 7.66
N LEU A 291 -5.88 14.46 7.75
CA LEU A 291 -5.82 15.89 7.53
C LEU A 291 -6.22 16.22 6.08
N ASP A 292 -5.71 15.43 5.12
CA ASP A 292 -6.00 15.68 3.71
C ASP A 292 -7.50 15.58 3.40
N ARG A 293 -8.25 14.80 4.19
CA ARG A 293 -9.69 14.65 3.94
C ARG A 293 -10.51 15.85 4.43
N MET A 294 -9.94 16.68 5.28
CA MET A 294 -10.66 17.84 5.78
C MET A 294 -10.74 18.92 4.71
N ASP A 295 -11.71 19.81 4.87
CA ASP A 295 -11.78 21.02 4.06
C ASP A 295 -10.89 22.06 4.72
N LEU A 296 -9.76 22.37 4.09
CA LEU A 296 -8.78 23.27 4.67
C LEU A 296 -8.68 24.60 3.92
N ARG A 297 -9.67 24.91 3.08
CA ARG A 297 -9.62 26.16 2.31
C ARG A 297 -9.57 27.37 3.23
N GLY A 298 -10.32 27.34 4.34
CA GLY A 298 -10.33 28.44 5.27
C GLY A 298 -8.99 28.72 5.92
N LEU A 299 -7.99 27.87 5.65
CA LEU A 299 -6.65 28.09 6.18
C LEU A 299 -5.69 28.69 5.16
N ASN A 300 -6.03 28.66 3.87
CA ASN A 300 -5.19 29.26 2.82
C ASN A 300 -3.77 28.72 2.85
N LEU A 301 -3.65 27.39 2.92
CA LEU A 301 -2.35 26.77 3.06
C LEU A 301 -1.52 26.94 1.81
N HIS A 302 -0.23 27.14 2.00
CA HIS A 302 0.71 27.17 0.89
C HIS A 302 0.52 25.92 0.03
N PRO A 303 0.46 26.05 -1.30
CA PRO A 303 0.19 24.87 -2.15
C PRO A 303 1.17 23.72 -1.96
N THR A 304 2.44 24.00 -1.68
CA THR A 304 3.38 22.90 -1.44
C THR A 304 3.15 22.26 -0.08
N GLN A 305 2.62 23.01 0.88
CA GLN A 305 2.23 22.41 2.15
C GLN A 305 1.07 21.44 1.95
N ALA A 306 0.10 21.81 1.12
CA ALA A 306 -0.97 20.88 0.77
C ALA A 306 -0.43 19.66 0.03
N ASP A 307 0.57 19.86 -0.83
CA ASP A 307 1.17 18.73 -1.54
C ASP A 307 1.81 17.76 -0.57
N ALA A 308 2.50 18.28 0.44
CA ALA A 308 3.12 17.42 1.45
C ALA A 308 2.07 16.62 2.19
N ILE A 309 0.96 17.25 2.55
CA ILE A 309 -0.12 16.54 3.24
C ILE A 309 -0.59 15.35 2.40
N ARG A 310 -0.76 15.55 1.09
CA ARG A 310 -1.31 14.50 0.24
C ARG A 310 -0.27 13.44 -0.12
N CYS A 311 0.99 13.84 -0.36
CA CYS A 311 1.95 12.95 -1.01
C CYS A 311 3.01 12.34 -0.10
N LEU A 312 3.25 12.87 1.09
CA LEU A 312 4.21 12.26 1.98
C LEU A 312 3.82 10.81 2.21
N HIS A 313 4.77 9.90 2.01
CA HIS A 313 4.46 8.48 1.94
C HIS A 313 4.34 7.87 3.33
N TYR A 314 3.34 7.00 3.48
CA TYR A 314 3.13 6.15 4.65
C TYR A 314 3.35 4.69 4.27
N ALA A 315 3.91 3.92 5.20
CA ALA A 315 4.01 2.48 5.08
C ALA A 315 2.87 1.81 5.84
N ASN A 316 2.49 0.62 5.37
CA ASN A 316 1.49 -0.21 6.05
C ASN A 316 2.16 -1.10 7.10
N SER A 317 1.35 -1.61 8.03
CA SER A 317 1.83 -2.51 9.07
C SER A 317 0.67 -3.34 9.59
N THR A 318 0.91 -4.64 9.74
CA THR A 318 -0.09 -5.59 10.21
C THR A 318 0.51 -6.45 11.31
N LYS A 319 -0.29 -6.68 12.36
CA LYS A 319 0.11 -7.52 13.49
C LYS A 319 -0.93 -8.59 13.71
N VAL A 320 -0.46 -9.79 14.02
CA VAL A 320 -1.32 -10.95 14.27
C VAL A 320 -0.82 -11.62 15.55
N ALA A 321 -1.71 -11.80 16.52
CA ALA A 321 -1.34 -12.38 17.81
C ALA A 321 -2.23 -13.56 18.11
N LEU A 322 -1.64 -14.67 18.53
CA LEU A 322 -2.36 -15.89 18.83
C LEU A 322 -2.13 -16.29 20.28
N LYS A 323 -3.16 -16.84 20.92
CA LYS A 323 -3.09 -17.33 22.28
C LYS A 323 -2.91 -18.84 22.27
N PHE A 324 -1.95 -19.32 23.05
CA PHE A 324 -1.66 -20.73 23.18
C PHE A 324 -1.82 -21.17 24.63
N SER A 325 -2.12 -22.45 24.84
CA SER A 325 -2.37 -22.97 26.18
C SER A 325 -1.09 -23.10 27.01
N TYR A 326 0.07 -23.03 26.38
CA TYR A 326 1.35 -22.99 27.08
C TYR A 326 2.38 -22.43 26.12
N PRO A 327 3.43 -21.77 26.61
CA PRO A 327 4.42 -21.17 25.70
C PRO A 327 5.38 -22.19 25.08
N TRP A 328 4.87 -22.89 24.05
CA TRP A 328 5.62 -23.98 23.45
C TRP A 328 6.96 -23.51 22.88
N TRP A 329 7.06 -22.26 22.47
CA TRP A 329 8.35 -21.75 21.98
C TRP A 329 9.38 -21.66 23.11
N ILE A 330 8.93 -21.46 24.34
CA ILE A 330 9.83 -21.49 25.49
C ILE A 330 10.19 -22.94 25.83
N LYS A 331 9.17 -23.79 25.99
CA LYS A 331 9.37 -25.10 26.59
C LYS A 331 9.94 -26.12 25.61
N ASP A 332 9.50 -26.09 24.35
CA ASP A 332 9.92 -27.10 23.38
C ASP A 332 11.02 -26.64 22.43
N CYS A 333 11.16 -25.33 22.20
CA CYS A 333 12.17 -24.83 21.26
C CYS A 333 13.33 -24.11 21.93
N GLY A 334 13.31 -23.91 23.24
CA GLY A 334 14.40 -23.24 23.91
C GLY A 334 14.51 -21.75 23.66
N ILE A 335 13.44 -21.12 23.20
CA ILE A 335 13.41 -19.67 22.97
C ILE A 335 12.93 -19.05 24.27
N THR A 336 13.87 -18.80 25.18
CA THR A 336 13.55 -18.46 26.56
C THR A 336 13.65 -16.97 26.88
N CYS A 337 14.15 -16.15 25.95
CA CYS A 337 14.47 -14.74 26.23
C CYS A 337 14.00 -13.82 25.11
N GLY A 338 12.71 -13.89 24.77
CA GLY A 338 12.18 -13.01 23.74
C GLY A 338 12.93 -13.14 22.43
N GLY A 339 13.22 -12.01 21.81
CA GLY A 339 13.85 -11.99 20.50
C GLY A 339 12.80 -12.09 19.39
N ALA A 340 13.27 -12.41 18.19
CA ALA A 340 12.37 -12.50 17.05
C ALA A 340 12.91 -13.45 15.99
N ALA A 341 12.00 -14.14 15.32
CA ALA A 341 12.31 -15.05 14.24
C ALA A 341 11.94 -14.38 12.92
N SER A 342 12.84 -14.45 11.94
CA SER A 342 12.60 -13.86 10.63
C SER A 342 12.58 -14.94 9.57
N THR A 343 11.85 -14.66 8.49
CA THR A 343 11.64 -15.64 7.43
C THR A 343 11.13 -14.91 6.20
N ASP A 344 11.28 -15.55 5.04
CA ASP A 344 10.65 -15.06 3.82
C ASP A 344 9.23 -15.59 3.67
N LEU A 345 8.80 -16.48 4.56
CA LEU A 345 7.42 -16.93 4.58
C LEU A 345 6.49 -15.76 4.86
N PRO A 346 5.23 -15.85 4.42
CA PRO A 346 4.31 -14.70 4.53
C PRO A 346 4.23 -14.04 5.90
N LEU A 347 4.44 -14.78 7.00
CA LEU A 347 4.35 -14.11 8.29
C LEU A 347 5.54 -13.19 8.55
N ARG A 348 6.65 -13.38 7.84
CA ARG A 348 7.85 -12.53 7.84
C ARG A 348 8.58 -12.49 9.18
N THR A 349 7.91 -12.07 10.25
CA THR A 349 8.58 -11.88 11.54
C THR A 349 7.69 -12.38 12.66
N CYS A 350 8.23 -13.26 13.50
CA CYS A 350 7.52 -13.80 14.65
C CYS A 350 8.20 -13.27 15.91
N VAL A 351 7.44 -12.53 16.72
CA VAL A 351 7.99 -11.79 17.86
C VAL A 351 7.62 -12.52 19.15
N TYR A 352 8.63 -13.00 19.87
CA TYR A 352 8.36 -13.65 21.15
C TYR A 352 8.29 -12.60 22.26
N PRO A 353 7.19 -12.55 23.02
CA PRO A 353 7.03 -11.49 24.03
C PRO A 353 8.10 -11.55 25.11
N SER A 354 8.45 -10.38 25.61
CA SER A 354 9.39 -10.25 26.71
C SER A 354 8.70 -10.11 28.07
N TYR A 355 7.37 -10.15 28.09
CA TYR A 355 6.60 -9.90 29.31
C TYR A 355 5.94 -11.15 29.86
N ASN A 356 6.23 -12.32 29.30
CA ASN A 356 5.62 -13.55 29.80
C ASN A 356 6.63 -14.69 29.87
N LEU A 357 7.91 -14.36 30.12
CA LEU A 357 8.98 -15.33 30.07
C LEU A 357 8.92 -16.36 31.18
N GLY A 358 8.28 -16.04 32.31
CA GLY A 358 8.16 -16.96 33.42
C GLY A 358 6.84 -17.71 33.50
N ASP A 359 5.88 -17.40 32.63
CA ASP A 359 4.57 -18.05 32.67
C ASP A 359 4.66 -19.45 32.11
N THR A 360 3.85 -20.35 32.68
CA THR A 360 3.79 -21.74 32.25
C THR A 360 2.44 -22.13 31.68
N GLY A 361 1.42 -21.32 31.84
CA GLY A 361 0.10 -21.55 31.27
C GLY A 361 -0.10 -20.77 29.99
N GLU A 362 -1.32 -20.24 29.82
CA GLU A 362 -1.67 -19.50 28.61
C GLU A 362 -0.68 -18.39 28.31
N ALA A 363 -0.35 -18.23 27.04
CA ALA A 363 0.63 -17.23 26.65
C ALA A 363 0.28 -16.71 25.25
N VAL A 364 0.54 -15.42 25.05
CA VAL A 364 0.32 -14.75 23.77
C VAL A 364 1.60 -14.83 22.95
N LEU A 365 1.46 -15.06 21.65
CA LEU A 365 2.56 -14.96 20.71
C LEU A 365 2.21 -13.89 19.68
N LEU A 366 3.13 -12.96 19.46
CA LEU A 366 2.97 -12.03 18.33
C LEU A 366 3.51 -12.77 17.11
N ALA A 367 2.63 -13.56 16.48
CA ALA A 367 3.06 -14.54 15.48
C ALA A 367 3.39 -13.90 14.14
N SER A 368 2.77 -12.77 13.81
CA SER A 368 3.08 -12.09 12.55
C SER A 368 3.18 -10.58 12.78
N TYR A 369 4.30 -10.01 12.37
CA TYR A 369 4.52 -8.57 12.41
C TYR A 369 5.17 -8.18 11.09
N THR A 370 4.46 -7.42 10.26
CA THR A 370 4.86 -7.17 8.89
C THR A 370 4.77 -5.69 8.55
N TRP A 371 5.54 -5.29 7.54
CA TRP A 371 5.53 -3.94 6.98
CA TRP A 371 5.53 -3.94 6.98
C TRP A 371 5.23 -4.00 5.49
N SER A 372 4.72 -2.90 4.96
CA SER A 372 4.68 -2.64 3.50
C SER A 372 3.78 -3.67 2.79
N GLN A 373 4.20 -4.14 1.62
CA GLN A 373 3.39 -5.08 0.84
C GLN A 373 3.18 -6.41 1.58
N ASP A 374 4.16 -6.83 2.39
CA ASP A 374 3.94 -7.96 3.29
C ASP A 374 2.72 -7.71 4.18
N ALA A 375 2.60 -6.49 4.69
CA ALA A 375 1.50 -6.15 5.60
C ALA A 375 0.18 -5.99 4.87
N THR A 376 0.23 -5.43 3.66
CA THR A 376 -0.98 -5.34 2.85
C THR A 376 -1.52 -6.72 2.48
N ARG A 377 -0.61 -7.68 2.24
CA ARG A 377 -1.05 -9.02 1.88
C ARG A 377 -1.64 -9.76 3.07
N ILE A 378 -0.97 -9.73 4.22
CA ILE A 378 -1.56 -10.31 5.42
C ILE A 378 -2.85 -9.58 5.79
N GLY A 379 -2.82 -8.24 5.71
CA GLY A 379 -3.97 -7.44 6.04
C GLY A 379 -5.20 -7.71 5.18
N SER A 380 -5.02 -8.32 4.00
CA SER A 380 -6.17 -8.66 3.17
C SER A 380 -6.95 -9.83 3.74
N LEU A 381 -6.37 -10.57 4.68
CA LEU A 381 -7.07 -11.64 5.36
C LEU A 381 -7.60 -11.20 6.73
N VAL A 382 -7.36 -9.94 7.12
CA VAL A 382 -7.76 -9.42 8.42
C VAL A 382 -9.09 -8.69 8.24
N LYS A 383 -10.16 -9.25 8.76
CA LYS A 383 -11.48 -8.63 8.71
C LYS A 383 -11.86 -8.11 10.08
N ASP A 384 -12.47 -6.93 10.11
CA ASP A 384 -12.92 -6.35 11.38
C ASP A 384 -14.02 -7.19 12.02
N ALA A 385 -14.74 -7.97 11.24
CA ALA A 385 -15.64 -9.01 11.76
C ALA A 385 -15.04 -10.37 11.41
N PRO A 386 -14.40 -11.04 12.37
CA PRO A 386 -13.64 -12.24 12.04
C PRO A 386 -14.55 -13.34 11.49
N PRO A 387 -13.99 -14.24 10.67
CA PRO A 387 -14.86 -15.12 9.84
C PRO A 387 -15.81 -16.01 10.61
N GLN A 388 -15.36 -16.67 11.68
CA GLN A 388 -16.15 -17.68 12.40
C GLN A 388 -16.54 -18.84 11.48
N LYS A 391 -12.93 -21.88 12.59
CA LYS A 391 -12.24 -23.01 11.97
C LYS A 391 -12.04 -22.81 10.47
N GLU A 392 -12.83 -21.89 9.92
CA GLU A 392 -12.80 -21.55 8.50
C GLU A 392 -11.80 -20.43 8.20
N ASP A 393 -11.04 -19.99 9.20
CA ASP A 393 -10.26 -18.76 9.10
C ASP A 393 -8.99 -19.03 8.30
N GLU A 394 -8.92 -18.45 7.11
CA GLU A 394 -7.73 -18.61 6.27
C GLU A 394 -6.50 -18.03 6.96
N LEU A 395 -6.64 -16.89 7.63
CA LEU A 395 -5.50 -16.25 8.28
C LEU A 395 -4.93 -17.13 9.39
N VAL A 396 -5.80 -17.71 10.23
CA VAL A 396 -5.35 -18.60 11.30
C VAL A 396 -4.55 -19.76 10.74
N GLU A 397 -5.10 -20.42 9.72
CA GLU A 397 -4.43 -21.58 9.15
C GLU A 397 -3.08 -21.21 8.54
N LEU A 398 -3.03 -20.08 7.81
CA LEU A 398 -1.77 -19.61 7.25
C LEU A 398 -0.71 -19.40 8.33
N ILE A 399 -1.11 -18.79 9.45
CA ILE A 399 -0.17 -18.51 10.53
C ILE A 399 0.30 -19.82 11.17
N LEU A 400 -0.63 -20.75 11.42
CA LEU A 400 -0.26 -22.03 12.01
C LEU A 400 0.69 -22.81 11.10
N GLN A 401 0.44 -22.78 9.78
CA GLN A 401 1.31 -23.50 8.86
C GLN A 401 2.69 -22.85 8.81
N ASN A 402 2.74 -21.51 8.76
CA ASN A 402 4.03 -20.82 8.74
C ASN A 402 4.78 -21.03 10.04
N LEU A 403 4.07 -20.94 11.18
CA LEU A 403 4.70 -21.17 12.48
C LEU A 403 5.32 -22.56 12.55
N ALA A 404 4.64 -23.56 11.98
CA ALA A 404 5.17 -24.92 12.00
C ALA A 404 6.43 -25.07 11.16
N ARG A 405 6.44 -24.47 9.96
CA ARG A 405 7.63 -24.55 9.13
C ARG A 405 8.79 -23.79 9.76
N LEU A 406 8.50 -22.67 10.41
CA LEU A 406 9.55 -21.86 11.01
C LEU A 406 10.11 -22.52 12.27
N HIS A 407 9.33 -23.35 12.94
CA HIS A 407 9.75 -24.03 14.16
C HIS A 407 9.87 -25.53 13.96
N ALA A 408 10.15 -25.95 12.73
CA ALA A 408 10.18 -27.36 12.38
C ALA A 408 11.29 -28.13 13.08
N GLU A 409 12.30 -27.44 13.62
CA GLU A 409 13.37 -28.13 14.31
C GLU A 409 12.90 -28.80 15.61
N HIS A 410 11.81 -28.30 16.21
CA HIS A 410 11.34 -28.86 17.47
C HIS A 410 9.84 -29.05 17.54
N MET A 411 9.06 -28.57 16.59
CA MET A 411 7.61 -28.65 16.65
C MET A 411 7.08 -29.22 15.34
N THR A 412 5.88 -29.77 15.43
CA THR A 412 5.11 -30.15 14.26
C THR A 412 3.88 -29.26 14.16
N TYR A 413 3.30 -29.23 12.96
CA TYR A 413 2.04 -28.52 12.76
C TYR A 413 0.97 -29.00 13.73
N GLU A 414 0.88 -30.32 13.93
CA GLU A 414 -0.17 -30.89 14.76
C GLU A 414 -0.05 -30.41 16.21
N LYS A 415 1.16 -30.39 16.75
CA LYS A 415 1.33 -29.96 18.13
C LYS A 415 1.08 -28.46 18.29
N ILE A 416 1.48 -27.66 17.31
CA ILE A 416 1.22 -26.22 17.38
C ILE A 416 -0.28 -25.95 17.30
N LYS A 417 -0.96 -26.63 16.38
CA LYS A 417 -2.40 -26.49 16.25
C LYS A 417 -3.11 -26.98 17.52
N GLU A 418 -2.60 -28.04 18.14
CA GLU A 418 -3.16 -28.54 19.40
C GLU A 418 -3.04 -27.50 20.51
N ALA A 419 -1.91 -26.79 20.56
CA ALA A 419 -1.71 -25.82 21.63
C ALA A 419 -2.52 -24.56 21.42
N TYR A 420 -2.90 -24.26 20.17
CA TYR A 420 -3.66 -23.05 19.88
C TYR A 420 -5.04 -23.13 20.52
N THR A 421 -5.41 -22.07 21.27
CA THR A 421 -6.66 -22.05 22.01
C THR A 421 -7.86 -21.69 21.14
N GLY A 422 -7.66 -21.21 19.92
CA GLY A 422 -8.75 -20.69 19.14
C GLY A 422 -9.03 -19.22 19.35
N VAL A 423 -8.20 -18.53 20.12
CA VAL A 423 -8.34 -17.10 20.37
C VAL A 423 -7.19 -16.38 19.69
N TYR A 424 -7.53 -15.46 18.79
CA TYR A 424 -6.50 -14.67 18.12
C TYR A 424 -7.07 -13.29 17.82
N HIS A 425 -6.17 -12.34 17.60
CA HIS A 425 -6.56 -11.01 17.19
C HIS A 425 -5.52 -10.50 16.19
N ALA A 426 -6.00 -9.70 15.23
CA ALA A 426 -5.16 -9.15 14.18
C ALA A 426 -5.62 -7.73 13.88
N TYR A 427 -4.70 -6.95 13.32
CA TYR A 427 -4.97 -5.55 13.02
C TYR A 427 -4.06 -5.09 11.89
N CYS A 428 -4.65 -4.41 10.91
CA CYS A 428 -3.92 -3.83 9.78
C CYS A 428 -4.16 -2.33 9.80
N TRP A 429 -3.08 -1.55 9.97
CA TRP A 429 -3.25 -0.13 10.27
C TRP A 429 -3.74 0.67 9.07
N ALA A 430 -3.46 0.22 7.83
CA ALA A 430 -4.00 0.91 6.66
C ALA A 430 -5.51 0.74 6.55
N ASN A 431 -6.09 -0.23 7.24
CA ASN A 431 -7.54 -0.37 7.24
C ASN A 431 -8.21 0.44 8.34
N ASP A 432 -7.45 1.15 9.17
CA ASP A 432 -8.02 1.97 10.24
C ASP A 432 -8.44 3.32 9.67
N PRO A 433 -9.73 3.66 9.68
CA PRO A 433 -10.17 4.95 9.13
C PRO A 433 -9.56 6.16 9.84
N ASN A 434 -9.07 5.99 11.06
CA ASN A 434 -8.52 7.12 11.81
C ASN A 434 -7.02 7.28 11.63
N VAL A 435 -6.38 6.49 10.77
CA VAL A 435 -4.96 6.65 10.49
C VAL A 435 -4.70 6.61 8.99
N GLY A 436 -5.16 5.55 8.32
CA GLY A 436 -4.87 5.36 6.91
C GLY A 436 -3.51 4.78 6.61
N GLY A 437 -2.82 4.26 7.63
CA GLY A 437 -1.50 3.70 7.46
C GLY A 437 -0.94 3.39 8.83
N ALA A 438 0.32 2.98 8.84
CA ALA A 438 0.98 2.77 10.12
C ALA A 438 1.77 3.99 10.56
N PHE A 439 2.60 4.54 9.68
CA PHE A 439 3.46 5.66 10.04
C PHE A 439 4.13 6.17 8.77
N ALA A 440 4.59 7.42 8.85
CA ALA A 440 5.36 8.00 7.77
C ALA A 440 6.60 7.17 7.48
N LEU A 441 6.86 6.95 6.20
CA LEU A 441 8.12 6.38 5.73
C LEU A 441 8.37 7.03 4.38
N PHE A 442 9.15 8.10 4.37
CA PHE A 442 9.18 9.01 3.23
C PHE A 442 9.86 8.39 2.01
N GLY A 443 9.40 8.81 0.83
CA GLY A 443 10.06 8.46 -0.42
C GLY A 443 11.23 9.37 -0.69
N PRO A 444 11.91 9.10 -1.82
CA PRO A 444 13.13 9.85 -2.14
C PRO A 444 12.86 11.34 -2.33
N GLY A 445 13.69 12.16 -1.70
CA GLY A 445 13.59 13.61 -1.82
C GLY A 445 12.49 14.26 -0.99
N GLN A 446 11.68 13.47 -0.28
CA GLN A 446 10.53 14.03 0.44
C GLN A 446 10.96 14.76 1.71
N PHE A 447 11.94 14.21 2.43
CA PHE A 447 12.42 14.85 3.66
C PHE A 447 12.99 16.23 3.37
N SER A 448 13.75 16.37 2.27
CA SER A 448 14.47 17.61 2.02
C SER A 448 13.67 18.62 1.22
N ASN A 449 12.59 18.21 0.56
CA ASN A 449 11.81 19.11 -0.29
C ASN A 449 10.42 19.38 0.23
N LEU A 450 9.66 18.33 0.55
CA LEU A 450 8.27 18.48 0.95
C LEU A 450 8.12 18.76 2.44
N TYR A 451 8.86 18.03 3.25
CA TYR A 451 8.78 18.16 4.71
C TYR A 451 8.95 19.58 5.23
N PRO A 452 9.91 20.40 4.74
CA PRO A 452 9.98 21.79 5.23
C PRO A 452 8.71 22.58 5.00
N TYR A 453 7.98 22.32 3.91
CA TYR A 453 6.73 23.04 3.70
C TYR A 453 5.60 22.50 4.56
N LEU A 454 5.70 21.24 5.00
CA LEU A 454 4.75 20.72 5.96
C LEU A 454 4.80 21.50 7.27
N MET A 455 6.01 21.88 7.68
CA MET A 455 6.23 22.60 8.94
C MET A 455 6.15 24.12 8.79
N ARG A 456 5.76 24.62 7.62
CA ARG A 456 5.80 26.05 7.36
C ARG A 456 4.67 26.76 8.10
N PRO A 457 4.93 27.97 8.64
CA PRO A 457 3.88 28.71 9.37
C PRO A 457 2.63 28.92 8.53
N ALA A 458 1.49 28.69 9.15
CA ALA A 458 0.20 28.77 8.46
C ALA A 458 -0.80 29.53 9.32
N ALA A 459 -1.76 30.16 8.63
CA ALA A 459 -2.78 30.99 9.28
C ALA A 459 -2.15 32.04 10.19
N GLY A 460 -1.10 32.69 9.70
CA GLY A 460 -0.39 33.69 10.48
C GLY A 460 0.19 33.15 11.77
N GLY A 461 0.67 31.90 11.75
CA GLY A 461 1.25 31.30 12.93
C GLY A 461 0.28 30.67 13.90
N LYS A 462 -0.97 30.45 13.50
CA LYS A 462 -1.99 29.93 14.41
C LYS A 462 -2.40 28.49 14.12
N PHE A 463 -1.89 27.87 13.06
CA PHE A 463 -2.22 26.49 12.71
C PHE A 463 -0.95 25.66 12.69
N HIS A 464 -1.00 24.49 13.34
CA HIS A 464 0.18 23.62 13.46
C HIS A 464 -0.17 22.20 13.04
N ILE A 465 0.70 21.61 12.24
CA ILE A 465 0.59 20.21 11.85
C ILE A 465 1.54 19.42 12.73
N VAL A 466 0.99 18.57 13.60
CA VAL A 466 1.72 17.95 14.71
C VAL A 466 1.58 16.44 14.61
N GLY A 467 2.59 15.72 15.09
CA GLY A 467 2.59 14.27 15.14
C GLY A 467 3.89 13.70 14.64
N GLU A 468 3.93 12.37 14.60
CA GLU A 468 5.17 11.67 14.27
C GLU A 468 5.64 12.00 12.85
N ALA A 469 4.71 12.18 11.92
CA ALA A 469 5.09 12.55 10.56
C ALA A 469 5.67 13.95 10.48
N SER A 470 5.33 14.80 11.45
CA SER A 470 5.84 16.17 11.56
C SER A 470 7.14 16.25 12.34
N SER A 471 8.04 15.28 12.19
CA SER A 471 9.29 15.26 12.93
C SER A 471 10.35 14.56 12.09
N VAL A 472 11.58 14.55 12.60
CA VAL A 472 12.66 13.79 11.98
C VAL A 472 12.73 12.38 12.55
N HIS A 473 11.70 11.97 13.32
CA HIS A 473 11.70 10.65 13.97
C HIS A 473 10.39 9.92 13.68
N HIS A 474 10.27 9.41 12.45
CA HIS A 474 9.09 8.67 12.04
C HIS A 474 8.96 7.35 12.79
N ALA A 475 7.72 6.90 12.95
CA ALA A 475 7.40 5.56 13.46
C ALA A 475 7.86 5.36 14.90
N TRP A 476 8.14 6.44 15.62
CA TRP A 476 8.52 6.36 17.02
C TRP A 476 7.70 7.36 17.84
N ILE A 477 7.47 7.02 19.10
CA ILE A 477 6.80 7.95 20.01
C ILE A 477 7.58 9.26 20.11
N ILE A 478 8.91 9.18 20.01
CA ILE A 478 9.74 10.38 20.21
C ILE A 478 9.35 11.47 19.20
N GLY A 479 9.10 11.08 17.95
CA GLY A 479 8.70 12.06 16.96
C GLY A 479 7.43 12.79 17.33
N SER A 480 6.45 12.07 17.89
CA SER A 480 5.21 12.70 18.32
C SER A 480 5.47 13.74 19.41
N LEU A 481 6.33 13.41 20.38
CA LEU A 481 6.53 14.31 21.51
C LEU A 481 7.33 15.54 21.11
N GLU A 482 8.39 15.36 20.32
CA GLU A 482 9.16 16.49 19.81
C GLU A 482 8.25 17.46 19.05
N SER A 483 7.40 16.92 18.17
CA SER A 483 6.57 17.75 17.32
C SER A 483 5.59 18.56 18.16
N ALA A 484 4.97 17.92 19.16
CA ALA A 484 4.06 18.63 20.06
C ALA A 484 4.77 19.70 20.88
N TYR A 485 5.96 19.39 21.38
CA TYR A 485 6.72 20.38 22.13
C TYR A 485 7.04 21.60 21.27
N THR A 486 7.51 21.35 20.04
CA THR A 486 7.83 22.44 19.13
C THR A 486 6.60 23.29 18.81
N ALA A 487 5.44 22.65 18.69
CA ALA A 487 4.21 23.38 18.40
C ALA A 487 3.78 24.24 19.58
N VAL A 488 3.96 23.75 20.81
CA VAL A 488 3.64 24.56 21.98
C VAL A 488 4.55 25.78 22.05
N TYR A 489 5.85 25.55 21.84
CA TYR A 489 6.80 26.66 21.73
C TYR A 489 6.28 27.75 20.79
N GLN A 490 5.96 27.37 19.55
CA GLN A 490 5.54 28.36 18.56
C GLN A 490 4.25 29.07 18.97
N PHE A 491 3.34 28.34 19.64
CA PHE A 491 2.13 28.97 20.15
C PHE A 491 2.44 30.04 21.18
N LEU A 492 3.31 29.72 22.14
CA LEU A 492 3.70 30.70 23.16
C LEU A 492 4.46 31.86 22.55
N TYR A 493 5.32 31.59 21.58
CA TYR A 493 6.03 32.65 20.88
C TYR A 493 5.06 33.56 20.13
N LYS A 494 4.08 32.97 19.45
CA LYS A 494 3.15 33.73 18.63
C LYS A 494 2.38 34.76 19.45
N TYR A 495 2.03 34.42 20.69
CA TYR A 495 1.27 35.32 21.54
C TYR A 495 2.15 36.04 22.55
N LYS A 496 3.47 35.98 22.41
CA LYS A 496 4.42 36.79 23.19
C LYS A 496 4.29 36.51 24.69
N MET A 497 3.98 35.26 25.06
CA MET A 497 3.91 34.87 26.47
C MET A 497 5.31 34.47 26.95
N TRP A 498 6.14 35.51 27.12
CA TRP A 498 7.57 35.27 27.35
C TRP A 498 7.82 34.57 28.69
N ASP A 499 7.04 34.91 29.72
CA ASP A 499 7.18 34.22 31.01
C ASP A 499 6.99 32.72 30.83
N TYR A 500 5.92 32.33 30.12
CA TYR A 500 5.60 30.91 29.99
C TYR A 500 6.44 30.23 28.93
N LEU A 501 6.87 30.96 27.89
CA LEU A 501 7.87 30.43 26.98
C LEU A 501 9.17 30.13 27.72
N ARG A 502 9.59 31.05 28.59
CA ARG A 502 10.78 30.79 29.41
C ARG A 502 10.55 29.62 30.35
N LEU A 503 9.33 29.45 30.86
CA LEU A 503 9.02 28.30 31.71
C LEU A 503 8.97 27.00 30.91
N LEU A 504 8.49 27.05 29.67
CA LEU A 504 8.50 25.85 28.83
C LEU A 504 9.92 25.36 28.62
N LEU A 505 10.83 26.26 28.25
CA LEU A 505 12.24 25.89 28.10
C LEU A 505 12.80 25.33 29.39
N GLU A 506 12.47 25.97 30.52
CA GLU A 506 13.02 25.55 31.81
C GLU A 506 12.52 24.16 32.21
N ARG A 507 11.25 23.88 31.97
CA ARG A 507 10.68 22.62 32.44
C ARG A 507 10.70 21.51 31.40
N TRP A 508 10.54 21.83 30.12
CA TRP A 508 10.19 20.81 29.14
C TRP A 508 11.22 20.59 28.03
N GLN A 509 12.37 21.24 28.08
CA GLN A 509 13.34 21.06 27.01
C GLN A 509 14.08 19.73 27.12
N GLU B 4 -5.68 -43.04 -28.95
CA GLU B 4 -4.25 -43.32 -28.87
C GLU B 4 -3.57 -42.40 -27.86
N LEU B 5 -4.01 -41.15 -27.80
CA LEU B 5 -3.51 -40.24 -26.78
C LEU B 5 -3.92 -40.75 -25.40
N PRO B 6 -2.98 -40.92 -24.46
CA PRO B 6 -3.36 -41.46 -23.16
C PRO B 6 -4.23 -40.47 -22.40
N PRO B 7 -5.05 -40.95 -21.48
CA PRO B 7 -5.88 -40.02 -20.69
C PRO B 7 -5.01 -39.11 -19.83
N ARG B 8 -5.33 -37.81 -19.86
CA ARG B 8 -4.58 -36.82 -19.10
C ARG B 8 -5.52 -35.79 -18.51
N LYS B 9 -5.12 -35.24 -17.37
CA LYS B 9 -5.90 -34.25 -16.65
C LYS B 9 -4.99 -33.10 -16.25
N VAL B 10 -5.44 -31.87 -16.46
CA VAL B 10 -4.70 -30.69 -16.04
C VAL B 10 -5.53 -29.93 -15.01
N CYS B 11 -4.83 -29.15 -14.19
CA CYS B 11 -5.47 -28.40 -13.13
C CYS B 11 -5.30 -26.91 -13.39
N ILE B 12 -6.39 -26.18 -13.35
CA ILE B 12 -6.41 -24.73 -13.50
C ILE B 12 -6.80 -24.13 -12.15
N VAL B 13 -5.87 -23.40 -11.54
CA VAL B 13 -6.11 -22.73 -10.27
C VAL B 13 -6.56 -21.30 -10.56
N GLY B 14 -7.80 -21.00 -10.22
CA GLY B 14 -8.34 -19.66 -10.42
C GLY B 14 -9.25 -19.58 -11.62
N ALA B 15 -10.42 -18.97 -11.44
CA ALA B 15 -11.38 -18.82 -12.53
C ALA B 15 -11.59 -17.34 -12.84
N GLY B 16 -10.51 -16.61 -13.02
CA GLY B 16 -10.56 -15.31 -13.65
C GLY B 16 -10.53 -15.47 -15.14
N VAL B 17 -10.28 -14.36 -15.84
CA VAL B 17 -10.29 -14.44 -17.29
C VAL B 17 -9.15 -15.31 -17.80
N SER B 18 -8.08 -15.46 -17.02
CA SER B 18 -6.94 -16.30 -17.41
C SER B 18 -7.32 -17.78 -17.43
N GLY B 19 -7.85 -18.28 -16.32
CA GLY B 19 -8.20 -19.68 -16.26
C GLY B 19 -9.32 -20.04 -17.20
N LEU B 20 -10.31 -19.15 -17.34
CA LEU B 20 -11.40 -19.39 -18.28
C LEU B 20 -10.89 -19.40 -19.72
N TYR B 21 -9.89 -18.58 -20.01
CA TYR B 21 -9.29 -18.56 -21.34
C TYR B 21 -8.52 -19.85 -21.62
N ILE B 22 -7.77 -20.35 -20.62
CA ILE B 22 -7.14 -21.66 -20.79
C ILE B 22 -8.19 -22.73 -21.09
N ALA B 23 -9.25 -22.77 -20.28
CA ALA B 23 -10.32 -23.74 -20.52
C ALA B 23 -10.98 -23.53 -21.88
N MET B 24 -11.18 -22.27 -22.27
CA MET B 24 -11.78 -21.99 -23.58
C MET B 24 -10.89 -22.51 -24.72
N ILE B 25 -9.58 -22.36 -24.59
CA ILE B 25 -8.68 -22.84 -25.65
C ILE B 25 -8.69 -24.35 -25.71
N LEU B 26 -8.57 -25.02 -24.56
CA LEU B 26 -8.61 -26.49 -24.52
C LEU B 26 -9.93 -27.03 -25.07
N ASP B 27 -11.05 -26.38 -24.73
CA ASP B 27 -12.34 -26.85 -25.21
C ASP B 27 -12.43 -26.73 -26.72
N ASP B 28 -11.89 -25.64 -27.28
CA ASP B 28 -11.90 -25.44 -28.72
C ASP B 28 -10.97 -26.43 -29.44
N LEU B 29 -9.89 -26.85 -28.78
CA LEU B 29 -8.95 -27.75 -29.42
C LEU B 29 -9.44 -29.19 -29.45
N LYS B 30 -10.25 -29.59 -28.45
CA LYS B 30 -10.82 -30.93 -28.33
C LYS B 30 -9.77 -32.01 -28.44
N ILE B 31 -8.84 -31.99 -27.49
CA ILE B 31 -7.79 -33.01 -27.44
C ILE B 31 -8.40 -34.28 -26.83
N PRO B 32 -8.37 -35.40 -27.55
CA PRO B 32 -9.01 -36.62 -27.04
C PRO B 32 -8.41 -37.06 -25.72
N ASN B 33 -9.30 -37.42 -24.79
CA ASN B 33 -8.96 -37.94 -23.46
C ASN B 33 -8.23 -36.91 -22.59
N LEU B 34 -8.35 -35.63 -22.90
CA LEU B 34 -7.82 -34.56 -22.07
C LEU B 34 -8.95 -33.91 -21.28
N THR B 35 -8.82 -33.89 -19.96
CA THR B 35 -9.78 -33.24 -19.07
C THR B 35 -9.08 -32.19 -18.23
N TYR B 36 -9.88 -31.39 -17.52
CA TYR B 36 -9.32 -30.40 -16.61
C TYR B 36 -10.26 -30.18 -15.43
N ASP B 37 -9.70 -29.65 -14.36
CA ASP B 37 -10.44 -29.12 -13.22
C ASP B 37 -10.12 -27.65 -13.08
N ILE B 38 -11.14 -26.83 -12.87
CA ILE B 38 -10.98 -25.42 -12.52
C ILE B 38 -11.42 -25.26 -11.06
N PHE B 39 -10.48 -24.87 -10.21
CA PHE B 39 -10.77 -24.54 -8.82
C PHE B 39 -10.75 -23.02 -8.65
N GLU B 40 -11.78 -22.49 -8.02
CA GLU B 40 -11.91 -21.06 -7.73
C GLU B 40 -12.13 -20.89 -6.23
N SER B 41 -11.26 -20.10 -5.59
CA SER B 41 -11.36 -19.90 -4.15
C SER B 41 -12.66 -19.20 -3.76
N SER B 42 -13.06 -18.21 -4.53
CA SER B 42 -14.25 -17.41 -4.22
C SER B 42 -15.53 -18.18 -4.55
N SER B 43 -16.63 -17.75 -3.94
CA SER B 43 -17.92 -18.22 -4.42
C SER B 43 -18.31 -17.56 -5.73
N ARG B 44 -17.57 -16.54 -6.16
CA ARG B 44 -17.83 -15.80 -7.39
C ARG B 44 -16.79 -16.16 -8.43
N THR B 45 -17.21 -16.22 -9.69
CA THR B 45 -16.34 -16.49 -10.81
C THR B 45 -16.12 -15.21 -11.60
N GLY B 46 -14.88 -14.97 -12.03
CA GLY B 46 -14.58 -13.81 -12.86
C GLY B 46 -13.38 -13.01 -12.41
N GLY B 47 -13.07 -13.08 -11.12
CA GLY B 47 -11.87 -12.44 -10.62
C GLY B 47 -11.97 -10.92 -10.73
N ARG B 48 -11.01 -10.32 -11.42
CA ARG B 48 -10.97 -8.88 -11.60
C ARG B 48 -11.84 -8.41 -12.77
N LEU B 49 -12.65 -9.29 -13.33
CA LEU B 49 -13.82 -8.90 -14.13
C LEU B 49 -15.02 -9.00 -13.20
N TYR B 50 -15.55 -7.85 -12.79
CA TYR B 50 -16.48 -7.82 -11.66
C TYR B 50 -17.39 -6.61 -11.80
N THR B 51 -18.58 -6.82 -12.35
CA THR B 51 -19.61 -5.80 -12.46
C THR B 51 -20.52 -5.85 -11.23
N HIS B 52 -20.73 -4.71 -10.58
CA HIS B 52 -21.67 -4.59 -9.48
C HIS B 52 -22.98 -4.02 -10.02
N HIS B 53 -24.06 -4.79 -9.89
CA HIS B 53 -25.37 -4.37 -10.37
C HIS B 53 -26.20 -3.85 -9.21
N PHE B 54 -26.60 -2.57 -9.29
CA PHE B 54 -27.43 -1.93 -8.25
C PHE B 54 -28.89 -2.32 -8.32
N THR B 55 -29.39 -2.67 -9.51
CA THR B 55 -30.61 -3.42 -9.75
C THR B 55 -30.39 -4.20 -11.05
N ASP B 56 -31.45 -4.81 -11.57
CA ASP B 56 -31.39 -5.40 -12.90
C ASP B 56 -31.85 -4.45 -13.99
N ALA B 57 -32.16 -3.21 -13.65
CA ALA B 57 -32.42 -2.19 -14.65
C ALA B 57 -31.21 -2.01 -15.55
N LYS B 58 -31.47 -1.62 -16.79
CA LYS B 58 -30.51 -1.76 -17.89
C LYS B 58 -29.13 -1.21 -17.56
N HIS B 59 -29.07 0.01 -17.00
CA HIS B 59 -27.79 0.71 -16.84
C HIS B 59 -27.43 0.94 -15.38
N ASP B 60 -28.00 0.15 -14.48
CA ASP B 60 -27.86 0.37 -13.04
C ASP B 60 -26.70 -0.47 -12.49
N TYR B 61 -25.50 -0.14 -12.97
CA TYR B 61 -24.33 -0.91 -12.60
C TYR B 61 -23.08 -0.04 -12.70
N TYR B 62 -21.97 -0.58 -12.19
CA TYR B 62 -20.65 -0.08 -12.54
C TYR B 62 -19.67 -1.24 -12.46
N ASP B 63 -18.55 -1.10 -13.15
CA ASP B 63 -17.55 -2.16 -13.20
C ASP B 63 -16.50 -1.91 -12.11
N ILE B 64 -16.41 -2.85 -11.17
CA ILE B 64 -15.44 -2.74 -10.08
C ILE B 64 -14.03 -3.00 -10.61
N GLY B 65 -13.88 -3.95 -11.53
CA GLY B 65 -12.60 -4.20 -12.16
C GLY B 65 -12.51 -3.61 -13.55
N ALA B 66 -12.23 -4.44 -14.55
CA ALA B 66 -11.99 -3.95 -15.91
C ALA B 66 -13.25 -3.32 -16.50
N MET B 67 -13.06 -2.20 -17.23
CA MET B 67 -14.23 -1.51 -17.76
C MET B 67 -14.04 -0.84 -19.13
N ARG B 68 -12.79 -0.63 -19.59
CA ARG B 68 -12.56 0.12 -20.81
C ARG B 68 -11.41 -0.48 -21.61
N TYR B 69 -11.52 -0.45 -22.94
CA TYR B 69 -10.58 -1.17 -23.79
C TYR B 69 -10.21 -0.35 -25.03
N PRO B 70 -8.93 0.01 -25.18
CA PRO B 70 -8.51 0.75 -26.37
C PRO B 70 -8.29 -0.17 -27.56
N ASP B 71 -8.78 0.26 -28.72
CA ASP B 71 -8.65 -0.51 -29.96
C ASP B 71 -7.30 -0.20 -30.58
N ILE B 72 -6.26 -0.79 -30.02
CA ILE B 72 -4.89 -0.67 -30.53
C ILE B 72 -4.41 -2.06 -30.90
N PRO B 73 -3.45 -2.16 -31.83
CA PRO B 73 -3.05 -3.49 -32.33
C PRO B 73 -2.55 -4.44 -31.25
N SER B 74 -1.90 -3.95 -30.20
CA SER B 74 -1.35 -4.85 -29.18
C SER B 74 -2.44 -5.52 -28.34
N MET B 75 -3.70 -5.14 -28.50
CA MET B 75 -4.79 -5.73 -27.73
C MET B 75 -5.80 -6.45 -28.62
N LYS B 76 -5.37 -6.91 -29.79
CA LYS B 76 -6.31 -7.55 -30.69
C LYS B 76 -6.83 -8.87 -30.12
N ARG B 77 -6.04 -9.57 -29.32
CA ARG B 77 -6.52 -10.82 -28.72
C ARG B 77 -7.70 -10.56 -27.81
N THR B 78 -7.72 -9.42 -27.12
CA THR B 78 -8.86 -9.05 -26.27
C THR B 78 -10.11 -8.83 -27.10
N PHE B 79 -10.00 -8.03 -28.18
CA PHE B 79 -11.16 -7.81 -29.02
C PHE B 79 -11.57 -9.08 -29.76
N ASN B 80 -10.61 -9.95 -30.06
CA ASN B 80 -10.96 -11.26 -30.63
C ASN B 80 -11.79 -12.06 -29.66
N LEU B 81 -11.43 -12.02 -28.36
CA LEU B 81 -12.25 -12.66 -27.34
C LEU B 81 -13.63 -12.02 -27.26
N PHE B 82 -13.71 -10.69 -27.42
CA PHE B 82 -15.00 -10.03 -27.42
C PHE B 82 -15.87 -10.51 -28.57
N LYS B 83 -15.29 -10.56 -29.78
CA LYS B 83 -16.03 -11.00 -30.95
C LYS B 83 -16.44 -12.47 -30.83
N ARG B 84 -15.56 -13.32 -30.30
CA ARG B 84 -15.88 -14.73 -30.19
C ARG B 84 -17.06 -15.00 -29.25
N THR B 85 -17.27 -14.12 -28.26
CA THR B 85 -18.31 -14.32 -27.27
C THR B 85 -19.54 -13.47 -27.51
N GLY B 86 -19.55 -12.62 -28.54
CA GLY B 86 -20.72 -11.82 -28.83
C GLY B 86 -20.92 -10.63 -27.92
N MET B 87 -19.84 -10.09 -27.39
CA MET B 87 -19.96 -9.01 -26.42
C MET B 87 -20.58 -7.77 -27.07
N PRO B 88 -21.62 -7.20 -26.47
CA PRO B 88 -22.20 -5.95 -27.00
C PRO B 88 -21.31 -4.75 -26.69
N LEU B 89 -20.43 -4.39 -27.62
CA LEU B 89 -19.50 -3.30 -27.40
C LEU B 89 -20.15 -1.96 -27.77
N ILE B 90 -19.82 -0.94 -26.99
CA ILE B 90 -20.25 0.43 -27.28
C ILE B 90 -19.05 1.34 -27.07
N LYS B 91 -19.18 2.57 -27.56
CA LYS B 91 -18.12 3.56 -27.44
C LYS B 91 -17.86 3.94 -25.99
N TYR B 92 -16.59 4.07 -25.64
CA TYR B 92 -16.17 4.59 -24.34
C TYR B 92 -15.42 5.88 -24.60
N TYR B 93 -15.81 6.95 -23.89
CA TYR B 93 -15.18 8.26 -24.05
C TYR B 93 -14.12 8.42 -22.98
N LEU B 94 -12.85 8.30 -23.38
CA LEU B 94 -11.76 8.61 -22.48
C LEU B 94 -11.78 10.09 -22.10
N ASP B 95 -12.07 10.96 -23.07
CA ASP B 95 -12.31 12.38 -22.83
C ASP B 95 -13.71 12.72 -23.29
N GLY B 96 -14.37 13.60 -22.54
CA GLY B 96 -15.70 14.06 -22.91
C GLY B 96 -15.76 15.57 -23.01
N GLU B 97 -16.95 16.14 -22.81
CA GLU B 97 -17.14 17.58 -22.87
C GLU B 97 -17.19 18.17 -21.47
N ASN B 98 -16.60 19.35 -21.32
CA ASN B 98 -16.79 20.19 -20.14
C ASN B 98 -16.43 19.48 -18.85
N THR B 99 -15.51 18.51 -18.90
CA THR B 99 -15.13 17.84 -17.67
C THR B 99 -14.20 18.74 -16.85
N PRO B 100 -14.53 19.03 -15.60
CA PRO B 100 -13.72 19.96 -14.82
C PRO B 100 -12.42 19.34 -14.36
N GLN B 101 -11.44 20.21 -14.13
CA GLN B 101 -10.16 19.83 -13.53
C GLN B 101 -9.86 20.82 -12.41
N LEU B 102 -9.58 20.30 -11.21
CA LEU B 102 -9.49 21.14 -10.02
C LEU B 102 -8.21 20.84 -9.26
N TYR B 103 -7.26 21.78 -9.30
CA TYR B 103 -6.02 21.67 -8.55
C TYR B 103 -5.77 22.96 -7.79
N ASN B 104 -5.33 22.84 -6.54
CA ASN B 104 -5.08 23.99 -5.67
C ASN B 104 -6.31 24.89 -5.59
N ASN B 105 -7.50 24.26 -5.61
CA ASN B 105 -8.79 24.94 -5.54
C ASN B 105 -9.03 25.88 -6.71
N HIS B 106 -8.38 25.65 -7.84
CA HIS B 106 -8.56 26.43 -9.05
C HIS B 106 -8.96 25.51 -10.18
N PHE B 107 -9.80 26.02 -11.09
CA PHE B 107 -10.24 25.26 -12.25
C PHE B 107 -9.34 25.53 -13.44
N PHE B 108 -9.12 24.50 -14.26
CA PHE B 108 -8.30 24.66 -15.44
C PHE B 108 -8.96 25.61 -16.44
N ALA B 109 -8.12 26.35 -17.16
CA ALA B 109 -8.58 27.20 -18.25
C ALA B 109 -7.51 27.20 -19.34
N LYS B 110 -7.93 26.95 -20.58
CA LYS B 110 -7.01 26.91 -21.71
C LYS B 110 -6.44 28.30 -21.99
N GLY B 111 -5.17 28.32 -22.41
CA GLY B 111 -4.51 29.56 -22.80
C GLY B 111 -4.19 30.51 -21.67
N VAL B 112 -4.23 30.05 -20.42
CA VAL B 112 -3.88 30.85 -19.26
C VAL B 112 -2.60 30.29 -18.65
N VAL B 113 -1.67 31.19 -18.29
CA VAL B 113 -0.44 30.77 -17.65
C VAL B 113 -0.73 30.40 -16.20
N ASP B 114 -0.33 29.18 -15.81
CA ASP B 114 -0.44 28.71 -14.44
C ASP B 114 -1.83 28.96 -13.82
N PRO B 115 -2.88 28.42 -14.43
CA PRO B 115 -4.23 28.65 -13.88
C PRO B 115 -4.43 28.09 -12.48
N TYR B 116 -3.65 27.07 -12.10
CA TYR B 116 -3.76 26.48 -10.77
C TYR B 116 -2.97 27.24 -9.72
N MET B 117 -2.22 28.28 -10.12
CA MET B 117 -1.47 29.13 -9.19
C MET B 117 -0.47 28.33 -8.36
N VAL B 118 0.19 27.35 -8.99
CA VAL B 118 1.18 26.54 -8.29
C VAL B 118 2.61 26.86 -8.71
N SER B 119 2.80 27.72 -9.71
CA SER B 119 4.16 27.97 -10.18
C SER B 119 4.89 28.92 -9.24
N VAL B 120 6.22 28.98 -9.41
CA VAL B 120 7.04 29.87 -8.61
C VAL B 120 6.58 31.32 -8.76
N ALA B 121 6.13 31.68 -9.97
CA ALA B 121 5.72 33.06 -10.23
C ALA B 121 4.51 33.48 -9.40
N ASN B 122 3.69 32.53 -8.94
CA ASN B 122 2.49 32.85 -8.18
C ASN B 122 2.56 32.40 -6.73
N GLY B 123 3.77 32.13 -6.22
CA GLY B 123 3.91 31.73 -4.83
C GLY B 123 4.03 30.24 -4.56
N GLY B 124 3.89 29.40 -5.59
CA GLY B 124 4.13 27.98 -5.46
C GLY B 124 5.60 27.62 -5.65
N THR B 125 5.86 26.33 -5.77
CA THR B 125 7.22 25.85 -6.02
C THR B 125 7.37 25.08 -7.33
N VAL B 126 6.32 24.98 -8.14
CA VAL B 126 6.47 24.35 -9.45
C VAL B 126 7.21 25.29 -10.38
N PRO B 127 8.30 24.86 -11.02
CA PRO B 127 9.02 25.75 -11.94
C PRO B 127 8.11 26.25 -13.05
N ASP B 128 8.29 27.53 -13.42
CA ASP B 128 7.41 28.18 -14.38
C ASP B 128 7.44 27.46 -15.73
N ASP B 129 8.60 26.98 -16.15
CA ASP B 129 8.73 26.29 -17.43
C ASP B 129 8.13 24.88 -17.43
N VAL B 130 7.74 24.37 -16.27
CA VAL B 130 7.17 23.03 -16.18
C VAL B 130 5.66 23.05 -15.95
N VAL B 131 5.13 24.08 -15.30
CA VAL B 131 3.77 24.04 -14.76
C VAL B 131 2.73 23.84 -15.86
N ASP B 132 2.97 24.40 -17.04
CA ASP B 132 2.03 24.32 -18.14
C ASP B 132 2.42 23.30 -19.20
N SER B 133 3.57 22.62 -19.03
CA SER B 133 4.14 21.81 -20.10
C SER B 133 4.39 20.38 -19.66
N VAL B 134 3.53 19.83 -18.79
CA VAL B 134 3.71 18.46 -18.34
C VAL B 134 3.52 17.49 -19.50
N GLY B 135 2.53 17.72 -20.34
CA GLY B 135 2.33 16.89 -21.52
C GLY B 135 3.53 16.85 -22.43
N GLU B 136 4.05 17.99 -22.88
CA GLU B 136 5.21 17.98 -23.78
C GLU B 136 6.40 17.33 -23.11
N LYS B 137 6.61 17.59 -21.81
CA LYS B 137 7.85 17.13 -21.21
C LYS B 137 7.83 15.63 -20.95
N LEU B 138 6.67 15.06 -20.60
CA LEU B 138 6.60 13.62 -20.45
C LEU B 138 6.60 12.91 -21.81
N GLN B 139 5.92 13.48 -22.80
CA GLN B 139 6.02 12.97 -24.16
C GLN B 139 7.48 12.95 -24.63
N GLN B 140 8.27 13.94 -24.21
CA GLN B 140 9.69 13.92 -24.54
C GLN B 140 10.43 12.82 -23.77
N ALA B 141 10.01 12.55 -22.53
CA ALA B 141 10.67 11.51 -21.75
C ALA B 141 10.25 10.12 -22.24
N PHE B 142 8.98 9.97 -22.62
CA PHE B 142 8.43 8.66 -22.97
C PHE B 142 8.39 8.37 -24.46
N GLY B 143 8.46 9.41 -25.31
CA GLY B 143 7.98 9.28 -26.68
C GLY B 143 8.79 8.35 -27.55
N TYR B 144 10.12 8.44 -27.44
CA TYR B 144 10.98 7.51 -28.19
C TYR B 144 10.57 6.07 -27.94
N TYR B 145 10.46 5.68 -26.67
CA TYR B 145 10.12 4.30 -26.36
C TYR B 145 8.69 3.98 -26.78
N LYS B 146 7.80 4.97 -26.72
CA LYS B 146 6.39 4.75 -27.09
C LYS B 146 6.26 4.43 -28.58
N GLU B 147 7.05 5.09 -29.43
CA GLU B 147 6.93 4.83 -30.86
C GLU B 147 7.55 3.50 -31.24
N LYS B 148 8.61 3.07 -30.53
CA LYS B 148 9.16 1.75 -30.73
C LYS B 148 8.15 0.67 -30.38
N LEU B 149 7.43 0.85 -29.27
CA LEU B 149 6.36 -0.08 -28.92
C LEU B 149 5.25 -0.08 -29.95
N ALA B 150 5.05 1.06 -30.64
CA ALA B 150 4.03 1.12 -31.68
C ALA B 150 4.45 0.35 -32.93
N GLU B 151 5.75 0.31 -33.23
CA GLU B 151 6.24 -0.54 -34.32
C GLU B 151 6.04 -2.02 -33.97
N ASP B 152 6.69 -2.47 -32.89
CA ASP B 152 6.60 -3.86 -32.47
C ASP B 152 6.76 -3.90 -30.96
N PHE B 153 5.74 -4.40 -30.26
CA PHE B 153 5.72 -4.28 -28.81
C PHE B 153 6.88 -5.04 -28.18
N ASP B 154 7.06 -6.31 -28.55
CA ASP B 154 8.13 -7.12 -27.97
C ASP B 154 9.50 -6.48 -28.20
N LYS B 155 9.76 -5.99 -29.42
CA LYS B 155 11.05 -5.37 -29.71
C LYS B 155 11.23 -4.07 -28.94
N GLY B 156 10.20 -3.21 -28.94
CA GLY B 156 10.29 -1.98 -28.17
C GLY B 156 10.39 -2.23 -26.68
N PHE B 157 9.77 -3.30 -26.19
CA PHE B 157 9.94 -3.68 -24.79
C PHE B 157 11.38 -4.09 -24.50
N ASP B 158 11.98 -4.88 -25.39
CA ASP B 158 13.38 -5.31 -25.20
C ASP B 158 14.32 -4.12 -25.11
N GLU B 159 14.04 -3.07 -25.88
CA GLU B 159 14.86 -1.86 -25.85
C GLU B 159 14.55 -1.02 -24.61
N LEU B 160 13.28 -0.99 -24.20
CA LEU B 160 12.91 -0.32 -22.96
C LEU B 160 13.62 -0.95 -21.77
N MET B 161 13.84 -2.27 -21.81
CA MET B 161 14.48 -2.96 -20.70
C MET B 161 15.89 -2.46 -20.45
N LEU B 162 16.53 -1.84 -21.44
CA LEU B 162 17.87 -1.31 -21.23
C LEU B 162 17.94 -0.11 -20.30
N VAL B 163 16.80 0.49 -19.94
CA VAL B 163 16.77 1.53 -18.92
C VAL B 163 15.84 1.16 -17.75
N ASP B 164 15.55 -0.13 -17.58
CA ASP B 164 14.57 -0.57 -16.58
C ASP B 164 15.08 -0.47 -15.15
N ASP B 165 16.37 -0.19 -14.94
CA ASP B 165 16.86 -0.01 -13.58
C ASP B 165 16.42 1.30 -12.95
N MET B 166 15.82 2.21 -13.71
CA MET B 166 15.48 3.53 -13.21
C MET B 166 14.00 3.62 -12.88
N THR B 167 13.69 4.40 -11.84
CA THR B 167 12.33 4.85 -11.62
C THR B 167 12.00 6.00 -12.56
N THR B 168 10.72 6.34 -12.66
CA THR B 168 10.34 7.49 -13.46
C THR B 168 10.96 8.77 -12.91
N ARG B 169 10.97 8.92 -11.59
CA ARG B 169 11.58 10.08 -10.96
C ARG B 169 13.09 10.12 -11.21
N GLU B 170 13.75 8.97 -11.04
CA GLU B 170 15.19 8.92 -11.26
C GLU B 170 15.55 9.25 -12.71
N TYR B 171 14.73 8.79 -13.66
CA TYR B 171 14.95 9.12 -15.06
C TYR B 171 14.79 10.61 -15.30
N LEU B 172 13.79 11.23 -14.68
CA LEU B 172 13.54 12.65 -14.87
C LEU B 172 14.58 13.51 -14.16
N LYS B 173 15.10 13.04 -13.02
CA LYS B 173 16.06 13.81 -12.25
C LYS B 173 17.44 13.83 -12.91
N ARG B 174 17.89 12.69 -13.44
CA ARG B 174 19.23 12.56 -13.99
C ARG B 174 19.31 12.81 -15.48
N GLY B 175 18.19 13.08 -16.14
CA GLY B 175 18.19 13.27 -17.58
C GLY B 175 18.39 11.99 -18.37
N GLY B 176 17.74 10.90 -17.99
CA GLY B 176 17.91 9.64 -18.65
C GLY B 176 19.18 8.92 -18.24
N PRO B 177 19.54 7.86 -18.97
CA PRO B 177 20.64 6.99 -18.52
C PRO B 177 22.04 7.61 -18.61
N LYS B 178 22.26 8.67 -19.39
CA LYS B 178 23.58 9.26 -19.47
C LYS B 178 23.56 10.79 -19.39
N GLY B 179 22.46 11.37 -18.92
CA GLY B 179 22.42 12.80 -18.65
C GLY B 179 22.21 13.69 -19.87
N GLU B 180 21.90 13.13 -21.03
CA GLU B 180 21.72 13.92 -22.24
C GLU B 180 20.27 14.33 -22.47
N ALA B 181 19.38 14.05 -21.53
CA ALA B 181 18.01 14.52 -21.54
C ALA B 181 17.83 15.60 -20.48
N PRO B 182 16.76 16.38 -20.54
CA PRO B 182 16.54 17.40 -19.51
C PRO B 182 16.48 16.80 -18.12
N LYS B 183 17.08 17.51 -17.17
CA LYS B 183 17.06 17.16 -15.76
C LYS B 183 16.07 18.05 -15.03
N TYR B 184 15.26 17.46 -14.16
CA TYR B 184 14.18 18.17 -13.47
C TYR B 184 14.36 18.11 -11.97
N ASP B 185 14.05 19.21 -11.29
CA ASP B 185 14.16 19.26 -9.85
C ASP B 185 12.94 18.56 -9.22
N PHE B 186 12.99 18.40 -7.89
CA PHE B 186 12.01 17.59 -7.19
C PHE B 186 10.58 18.06 -7.48
N PHE B 187 10.36 19.37 -7.42
CA PHE B 187 9.00 19.89 -7.50
C PHE B 187 8.43 19.78 -8.92
N ALA B 188 9.27 19.90 -9.94
CA ALA B 188 8.81 19.68 -11.30
C ALA B 188 8.38 18.24 -11.51
N ILE B 189 9.17 17.29 -11.01
CA ILE B 189 8.79 15.88 -11.07
C ILE B 189 7.52 15.64 -10.26
N GLN B 190 7.44 16.25 -9.08
CA GLN B 190 6.25 16.10 -8.25
C GLN B 190 5.00 16.58 -8.96
N TRP B 191 5.08 17.72 -9.65
CA TRP B 191 3.93 18.21 -10.39
C TRP B 191 3.58 17.29 -11.55
N MET B 192 4.60 16.75 -12.24
CA MET B 192 4.35 15.84 -13.35
C MET B 192 3.63 14.59 -12.89
N GLU B 193 4.07 14.00 -11.78
CA GLU B 193 3.36 12.86 -11.22
C GLU B 193 1.93 13.23 -10.85
N THR B 194 1.74 14.37 -10.19
CA THR B 194 0.40 14.79 -9.78
C THR B 194 -0.52 14.93 -11.00
N GLN B 195 0.01 15.42 -12.12
CA GLN B 195 -0.79 15.64 -13.33
C GLN B 195 -0.91 14.40 -14.20
N ASN B 196 -0.16 13.33 -13.92
CA ASN B 196 -0.10 12.17 -14.81
C ASN B 196 -0.64 10.89 -14.19
N THR B 197 -0.41 10.63 -12.90
CA THR B 197 -0.74 9.31 -12.36
C THR B 197 -1.07 9.45 -10.88
N GLY B 198 -1.08 8.32 -10.17
CA GLY B 198 -1.39 8.34 -8.75
C GLY B 198 -0.20 8.71 -7.88
N THR B 199 -0.52 9.21 -6.68
CA THR B 199 0.49 9.63 -5.71
C THR B 199 1.53 8.54 -5.49
N ASN B 200 2.80 8.92 -5.60
CA ASN B 200 4.01 8.11 -5.37
C ASN B 200 4.36 7.19 -6.54
N LEU B 201 3.58 7.15 -7.62
CA LEU B 201 3.83 6.12 -8.64
C LEU B 201 5.05 6.41 -9.51
N PHE B 202 5.53 7.66 -9.55
CA PHE B 202 6.82 7.91 -10.21
C PHE B 202 7.99 7.30 -9.44
N ASP B 203 7.76 6.75 -8.25
CA ASP B 203 8.81 6.04 -7.53
C ASP B 203 8.85 4.57 -7.88
N GLN B 204 8.00 4.12 -8.80
CA GLN B 204 8.05 2.79 -9.39
C GLN B 204 8.77 2.89 -10.73
N ALA B 205 8.70 1.82 -11.51
CA ALA B 205 9.59 1.65 -12.65
C ALA B 205 9.29 2.66 -13.76
N PHE B 206 10.36 3.21 -14.35
CA PHE B 206 10.21 4.07 -15.52
C PHE B 206 9.51 3.34 -16.65
N SER B 207 9.87 2.07 -16.87
CA SER B 207 9.26 1.29 -17.94
C SER B 207 7.75 1.16 -17.74
N GLU B 208 7.27 1.12 -16.49
CA GLU B 208 5.84 1.03 -16.27
C GLU B 208 5.13 2.32 -16.68
N SER B 209 5.74 3.47 -16.37
CA SER B 209 5.17 4.75 -16.78
C SER B 209 5.14 4.88 -18.29
N VAL B 210 6.18 4.38 -18.98
CA VAL B 210 6.18 4.40 -20.44
C VAL B 210 5.02 3.58 -21.00
N ILE B 211 4.88 2.34 -20.51
CA ILE B 211 3.86 1.45 -21.05
C ILE B 211 2.46 1.95 -20.72
N ALA B 212 2.28 2.55 -19.53
CA ALA B 212 0.98 3.12 -19.20
C ALA B 212 0.63 4.27 -20.12
N SER B 213 1.59 5.14 -20.41
CA SER B 213 1.37 6.22 -21.36
C SER B 213 1.14 5.67 -22.76
N PHE B 214 1.80 4.56 -23.11
CA PHE B 214 1.57 3.93 -24.39
C PHE B 214 0.15 3.40 -24.52
N ASP B 215 -0.43 2.90 -23.42
CA ASP B 215 -1.76 2.34 -23.47
C ASP B 215 -2.84 3.42 -23.34
N PHE B 216 -2.61 4.42 -22.48
CA PHE B 216 -3.61 5.45 -22.26
C PHE B 216 -3.48 6.64 -23.21
N ASP B 217 -2.31 6.83 -23.83
CA ASP B 217 -2.07 7.93 -24.76
C ASP B 217 -1.37 7.39 -26.00
N ASN B 218 -1.98 6.39 -26.63
CA ASN B 218 -1.34 5.68 -27.72
C ASN B 218 -1.17 6.59 -28.93
N PRO B 219 -0.04 6.49 -29.64
CA PRO B 219 0.19 7.35 -30.81
C PRO B 219 -0.84 7.18 -31.92
N THR B 220 -1.52 6.04 -32.00
CA THR B 220 -2.57 5.84 -33.00
C THR B 220 -3.86 6.57 -32.68
N LYS B 221 -3.96 7.24 -31.52
CA LYS B 221 -5.16 7.94 -31.09
C LYS B 221 -6.40 7.06 -31.23
N PRO B 222 -6.52 5.99 -30.45
CA PRO B 222 -7.51 4.95 -30.76
C PRO B 222 -8.91 5.28 -30.30
N GLU B 223 -9.87 4.53 -30.85
CA GLU B 223 -11.21 4.43 -30.29
C GLU B 223 -11.19 3.54 -29.05
N TRP B 224 -11.99 3.93 -28.04
CA TRP B 224 -12.14 3.15 -26.83
C TRP B 224 -13.52 2.50 -26.79
N TYR B 225 -13.63 1.39 -26.06
CA TYR B 225 -14.88 0.64 -26.04
C TYR B 225 -15.18 0.17 -24.62
N CYS B 226 -16.48 0.03 -24.33
CA CYS B 226 -16.92 -0.67 -23.13
C CYS B 226 -17.94 -1.73 -23.52
N ILE B 227 -18.26 -2.60 -22.56
CA ILE B 227 -19.22 -3.66 -22.76
C ILE B 227 -20.55 -3.18 -22.18
N GLU B 228 -21.54 -3.02 -23.07
CA GLU B 228 -22.87 -2.57 -22.65
C GLU B 228 -23.51 -3.65 -21.79
N GLY B 229 -23.73 -3.33 -20.51
CA GLY B 229 -24.23 -4.29 -19.55
C GLY B 229 -23.18 -4.76 -18.56
N GLY B 230 -21.94 -4.32 -18.70
CA GLY B 230 -20.94 -4.67 -17.71
C GLY B 230 -20.03 -5.78 -18.18
N THR B 231 -18.76 -5.70 -17.75
CA THR B 231 -17.75 -6.65 -18.21
C THR B 231 -18.09 -8.08 -17.78
N SER B 232 -18.84 -8.23 -16.67
CA SER B 232 -19.22 -9.56 -16.20
C SER B 232 -20.01 -10.35 -17.22
N LEU B 233 -20.60 -9.68 -18.23
CA LEU B 233 -21.20 -10.41 -19.33
C LEU B 233 -20.17 -11.30 -20.04
N LEU B 234 -18.90 -10.87 -20.08
CA LEU B 234 -17.86 -11.70 -20.66
C LEU B 234 -17.63 -12.96 -19.83
N VAL B 235 -17.61 -12.82 -18.50
CA VAL B 235 -17.45 -13.97 -17.62
C VAL B 235 -18.60 -14.96 -17.83
N ASP B 236 -19.83 -14.43 -17.87
CA ASP B 236 -20.99 -15.27 -18.13
C ASP B 236 -20.83 -16.06 -19.42
N ALA B 237 -20.38 -15.40 -20.50
CA ALA B 237 -20.25 -16.06 -21.78
C ALA B 237 -19.16 -17.13 -21.75
N MET B 238 -18.05 -16.88 -21.05
CA MET B 238 -17.00 -17.89 -20.99
C MET B 238 -17.41 -19.04 -20.09
N LYS B 239 -18.22 -18.76 -19.06
CA LYS B 239 -18.72 -19.80 -18.17
C LYS B 239 -19.62 -20.80 -18.91
N GLU B 240 -20.47 -20.30 -19.79
CA GLU B 240 -21.50 -21.15 -20.39
C GLU B 240 -20.91 -22.19 -21.34
N THR B 241 -19.77 -21.88 -21.97
CA THR B 241 -19.16 -22.78 -22.92
C THR B 241 -18.36 -23.91 -22.28
N LEU B 242 -18.07 -23.82 -20.98
CA LEU B 242 -17.12 -24.72 -20.34
C LEU B 242 -17.58 -26.17 -20.43
N VAL B 243 -16.67 -27.05 -20.84
CA VAL B 243 -16.96 -28.49 -20.80
C VAL B 243 -16.98 -29.01 -19.38
N HIS B 244 -16.02 -28.57 -18.55
CA HIS B 244 -16.02 -28.84 -17.12
C HIS B 244 -16.27 -27.53 -16.38
N LYS B 245 -17.29 -27.51 -15.53
CA LYS B 245 -17.72 -26.28 -14.89
C LYS B 245 -16.77 -25.89 -13.75
N VAL B 246 -16.83 -24.62 -13.38
CA VAL B 246 -15.98 -24.11 -12.32
C VAL B 246 -16.44 -24.66 -10.98
N GLN B 247 -15.49 -25.10 -10.17
CA GLN B 247 -15.75 -25.52 -8.79
C GLN B 247 -15.36 -24.35 -7.89
N ASN B 248 -16.37 -23.62 -7.40
CA ASN B 248 -16.17 -22.49 -6.52
C ASN B 248 -15.96 -22.97 -5.09
N ASN B 249 -15.52 -22.04 -4.25
CA ASN B 249 -15.23 -22.33 -2.83
C ASN B 249 -14.21 -23.45 -2.69
N LYS B 250 -13.22 -23.45 -3.59
CA LYS B 250 -12.13 -24.43 -3.59
C LYS B 250 -10.82 -23.65 -3.63
N ARG B 251 -10.30 -23.31 -2.45
CA ARG B 251 -9.06 -22.55 -2.35
C ARG B 251 -7.87 -23.51 -2.30
N VAL B 252 -7.00 -23.43 -3.31
CA VAL B 252 -5.78 -24.22 -3.33
C VAL B 252 -4.78 -23.62 -2.35
N GLU B 253 -4.22 -24.47 -1.48
CA GLU B 253 -3.25 -24.02 -0.48
C GLU B 253 -1.90 -24.69 -0.65
N ALA B 254 -1.76 -25.62 -1.59
CA ALA B 254 -0.48 -26.30 -1.81
C ALA B 254 -0.51 -26.90 -3.21
N ILE B 255 0.63 -26.87 -3.88
CA ILE B 255 0.82 -27.47 -5.19
C ILE B 255 2.13 -28.25 -5.17
N SER B 256 2.12 -29.44 -5.76
CA SER B 256 3.22 -30.38 -5.61
C SER B 256 3.38 -31.22 -6.86
N ILE B 257 4.60 -31.71 -7.07
CA ILE B 257 4.87 -32.74 -8.06
C ILE B 257 5.64 -33.86 -7.38
N ASP B 258 5.31 -35.10 -7.73
CA ASP B 258 5.99 -36.27 -7.20
C ASP B 258 7.01 -36.74 -8.25
N LEU B 259 8.27 -36.34 -8.07
CA LEU B 259 9.31 -36.63 -9.04
C LEU B 259 9.76 -38.09 -9.03
N ASP B 260 9.34 -38.88 -8.05
CA ASP B 260 9.65 -40.30 -8.01
C ASP B 260 8.59 -41.14 -8.70
N ALA B 261 7.52 -40.52 -9.21
CA ALA B 261 6.47 -41.21 -9.95
C ALA B 261 6.73 -41.11 -11.45
N PRO B 262 6.52 -42.20 -12.19
CA PRO B 262 6.90 -42.20 -13.60
C PRO B 262 5.83 -41.67 -14.53
N ASP B 263 4.58 -41.64 -14.06
CA ASP B 263 3.46 -41.29 -14.93
C ASP B 263 3.47 -39.79 -15.23
N ASP B 264 2.77 -39.42 -16.31
CA ASP B 264 2.60 -38.01 -16.64
C ASP B 264 1.83 -37.29 -15.54
N GLY B 265 0.78 -37.90 -15.02
CA GLY B 265 -0.06 -37.26 -14.03
C GLY B 265 0.45 -37.34 -12.61
N ASN B 266 1.61 -36.76 -12.33
CA ASN B 266 2.24 -36.85 -11.03
C ASN B 266 2.20 -35.54 -10.25
N MET B 267 1.20 -34.70 -10.50
CA MET B 267 1.04 -33.45 -9.79
C MET B 267 -0.23 -33.47 -8.95
N SER B 268 -0.21 -32.74 -7.84
CA SER B 268 -1.32 -32.71 -6.92
C SER B 268 -1.49 -31.31 -6.34
N VAL B 269 -2.73 -30.97 -6.01
CA VAL B 269 -3.01 -29.76 -5.25
C VAL B 269 -3.74 -30.15 -3.97
N LYS B 270 -3.59 -29.33 -2.94
CA LYS B 270 -4.27 -29.53 -1.67
C LYS B 270 -5.33 -28.46 -1.50
N ILE B 271 -6.56 -28.86 -1.21
CA ILE B 271 -7.66 -27.93 -0.98
C ILE B 271 -8.31 -28.30 0.34
N GLY B 272 -8.23 -27.39 1.32
CA GLY B 272 -8.82 -27.64 2.62
C GLY B 272 -8.31 -28.91 3.26
N GLY B 273 -7.01 -29.18 3.15
CA GLY B 273 -6.41 -30.34 3.75
C GLY B 273 -6.51 -31.63 2.98
N LYS B 274 -7.24 -31.67 1.87
CA LYS B 274 -7.43 -32.90 1.12
C LYS B 274 -6.72 -32.84 -0.23
N ASP B 275 -6.15 -33.97 -0.63
CA ASP B 275 -5.34 -34.06 -1.84
C ASP B 275 -6.21 -34.24 -3.08
N TYR B 276 -5.84 -33.53 -4.15
CA TYR B 276 -6.41 -33.72 -5.48
C TYR B 276 -5.24 -33.98 -6.42
N SER B 277 -5.10 -35.23 -6.86
CA SER B 277 -3.89 -35.64 -7.58
C SER B 277 -4.24 -36.11 -8.99
N GLY B 278 -3.24 -36.61 -9.70
CA GLY B 278 -3.42 -37.11 -11.04
C GLY B 278 -3.23 -36.10 -12.17
N TYR B 279 -2.63 -34.95 -11.90
CA TYR B 279 -2.54 -33.89 -12.90
C TYR B 279 -1.24 -33.96 -13.70
N SER B 280 -1.36 -33.72 -15.00
CA SER B 280 -0.23 -33.68 -15.91
C SER B 280 0.41 -32.30 -15.99
N THR B 281 -0.27 -31.28 -15.49
CA THR B 281 0.18 -29.89 -15.54
C THR B 281 -0.75 -29.09 -14.64
N VAL B 282 -0.21 -28.10 -13.95
CA VAL B 282 -0.99 -27.17 -13.15
C VAL B 282 -0.77 -25.77 -13.71
N PHE B 283 -1.85 -25.08 -14.02
CA PHE B 283 -1.83 -23.67 -14.37
C PHE B 283 -2.30 -22.88 -13.16
N ASN B 284 -1.40 -22.12 -12.56
CA ASN B 284 -1.80 -21.20 -11.51
C ASN B 284 -2.06 -19.84 -12.14
N THR B 285 -3.27 -19.32 -11.96
CA THR B 285 -3.67 -18.05 -12.57
C THR B 285 -3.96 -16.98 -11.52
N THR B 286 -3.74 -17.26 -10.25
CA THR B 286 -4.02 -16.29 -9.20
C THR B 286 -3.02 -15.14 -9.22
N ALA B 287 -3.40 -14.03 -8.57
CA ALA B 287 -2.43 -13.00 -8.26
C ALA B 287 -1.29 -13.58 -7.43
N LEU B 288 -0.11 -12.96 -7.54
CA LEU B 288 1.09 -13.55 -6.95
C LEU B 288 1.04 -13.58 -5.43
N GLY B 289 0.31 -12.65 -4.80
CA GLY B 289 0.18 -12.70 -3.35
C GLY B 289 -0.52 -13.95 -2.87
N CYS B 290 -1.56 -14.38 -3.59
CA CYS B 290 -2.23 -15.64 -3.28
C CYS B 290 -1.32 -16.84 -3.52
N LEU B 291 -0.51 -16.78 -4.57
CA LEU B 291 0.42 -17.88 -4.83
C LEU B 291 1.47 -17.97 -3.73
N ASP B 292 1.95 -16.82 -3.25
CA ASP B 292 2.97 -16.81 -2.21
C ASP B 292 2.49 -17.48 -0.93
N ARG B 293 1.18 -17.37 -0.63
CA ARG B 293 0.63 -17.98 0.58
C ARG B 293 0.50 -19.50 0.49
N MET B 294 0.63 -20.07 -0.70
CA MET B 294 0.55 -21.52 -0.81
C MET B 294 1.85 -22.16 -0.35
N ASP B 295 1.75 -23.42 0.06
CA ASP B 295 2.93 -24.25 0.29
C ASP B 295 3.37 -24.82 -1.05
N LEU B 296 4.46 -24.27 -1.61
CA LEU B 296 4.96 -24.68 -2.91
C LEU B 296 6.25 -25.48 -2.83
N ARG B 297 6.57 -26.00 -1.64
CA ARG B 297 7.82 -26.74 -1.48
C ARG B 297 7.89 -27.94 -2.40
N GLY B 298 6.76 -28.60 -2.66
CA GLY B 298 6.74 -29.76 -3.52
C GLY B 298 7.04 -29.48 -4.98
N LEU B 299 7.14 -28.20 -5.36
CA LEU B 299 7.52 -27.82 -6.72
C LEU B 299 9.00 -27.51 -6.87
N ASN B 300 9.72 -27.32 -5.76
CA ASN B 300 11.16 -27.06 -5.76
C ASN B 300 11.53 -25.88 -6.66
N LEU B 301 10.81 -24.77 -6.49
CA LEU B 301 10.99 -23.61 -7.35
C LEU B 301 12.39 -23.00 -7.17
N HIS B 302 12.90 -22.45 -8.27
CA HIS B 302 14.13 -21.67 -8.22
C HIS B 302 14.00 -20.55 -7.18
N PRO B 303 15.04 -20.31 -6.37
CA PRO B 303 14.91 -19.30 -5.30
C PRO B 303 14.57 -17.91 -5.79
N THR B 304 15.10 -17.51 -6.96
CA THR B 304 14.77 -16.20 -7.50
C THR B 304 13.34 -16.17 -8.05
N GLN B 305 12.83 -17.31 -8.50
CA GLN B 305 11.43 -17.41 -8.88
C GLN B 305 10.52 -17.21 -7.66
N ALA B 306 10.87 -17.83 -6.54
CA ALA B 306 10.14 -17.57 -5.30
C ALA B 306 10.26 -16.11 -4.88
N ASP B 307 11.44 -15.51 -5.04
CA ASP B 307 11.62 -14.09 -4.74
C ASP B 307 10.68 -13.23 -5.57
N ALA B 308 10.55 -13.55 -6.87
CA ALA B 308 9.66 -12.79 -7.74
C ALA B 308 8.21 -12.86 -7.26
N ILE B 309 7.78 -14.04 -6.81
CA ILE B 309 6.41 -14.17 -6.32
C ILE B 309 6.18 -13.28 -5.11
N ARG B 310 7.18 -13.20 -4.21
CA ARG B 310 7.01 -12.39 -3.01
C ARG B 310 7.13 -10.90 -3.30
N CYS B 311 8.08 -10.52 -4.18
CA CYS B 311 8.54 -9.13 -4.21
C CYS B 311 7.98 -8.31 -5.35
N LEU B 312 7.55 -8.93 -6.45
CA LEU B 312 6.99 -8.15 -7.55
C LEU B 312 5.88 -7.25 -7.03
N HIS B 313 5.99 -5.96 -7.33
CA HIS B 313 5.14 -4.96 -6.70
C HIS B 313 3.75 -4.93 -7.30
N TYR B 314 2.75 -4.76 -6.43
CA TYR B 314 1.37 -4.53 -6.82
C TYR B 314 0.93 -3.14 -6.39
N ALA B 315 0.11 -2.50 -7.21
CA ALA B 315 -0.53 -1.23 -6.86
C ALA B 315 -1.93 -1.49 -6.34
N ASN B 316 -2.40 -0.64 -5.44
CA ASN B 316 -3.75 -0.72 -4.90
C ASN B 316 -4.69 0.07 -5.81
N SER B 317 -5.98 -0.20 -5.67
CA SER B 317 -6.97 0.55 -6.43
C SER B 317 -8.32 0.48 -5.74
N THR B 318 -9.04 1.60 -5.77
CA THR B 318 -10.32 1.73 -5.11
C THR B 318 -11.31 2.45 -6.03
N LYS B 319 -12.53 1.93 -6.08
CA LYS B 319 -13.61 2.55 -6.84
C LYS B 319 -14.80 2.80 -5.91
N VAL B 320 -15.44 3.96 -6.08
CA VAL B 320 -16.62 4.35 -5.34
C VAL B 320 -17.66 4.86 -6.34
N ALA B 321 -18.84 4.25 -6.33
CA ALA B 321 -19.91 4.58 -7.27
C ALA B 321 -21.17 4.95 -6.51
N LEU B 322 -21.80 6.05 -6.91
CA LEU B 322 -22.98 6.56 -6.24
C LEU B 322 -24.15 6.64 -7.22
N LYS B 323 -25.36 6.39 -6.71
CA LYS B 323 -26.57 6.47 -7.50
C LYS B 323 -27.27 7.81 -7.25
N PHE B 324 -27.68 8.47 -8.33
CA PHE B 324 -28.40 9.73 -8.26
C PHE B 324 -29.75 9.59 -8.95
N SER B 325 -30.72 10.38 -8.47
CA SER B 325 -32.07 10.28 -9.02
C SER B 325 -32.15 10.82 -10.44
N TYR B 326 -31.16 11.62 -10.87
CA TYR B 326 -31.06 12.05 -12.26
C TYR B 326 -29.61 12.41 -12.53
N PRO B 327 -29.17 12.33 -13.80
CA PRO B 327 -27.75 12.62 -14.13
C PRO B 327 -27.43 14.12 -14.13
N TRP B 328 -27.26 14.66 -12.92
CA TRP B 328 -27.06 16.10 -12.77
C TRP B 328 -25.81 16.58 -13.51
N TRP B 329 -24.80 15.73 -13.66
CA TRP B 329 -23.62 16.14 -14.41
C TRP B 329 -23.95 16.37 -15.89
N ILE B 330 -24.92 15.63 -16.42
CA ILE B 330 -25.35 15.85 -17.81
C ILE B 330 -26.19 17.12 -17.92
N LYS B 331 -27.27 17.18 -17.13
CA LYS B 331 -28.30 18.19 -17.34
C LYS B 331 -27.88 19.57 -16.82
N ASP B 332 -27.17 19.62 -15.69
CA ASP B 332 -26.82 20.89 -15.07
C ASP B 332 -25.41 21.36 -15.38
N CYS B 333 -24.46 20.43 -15.58
CA CYS B 333 -23.08 20.81 -15.86
C CYS B 333 -22.69 20.67 -17.33
N GLY B 334 -23.56 20.13 -18.17
CA GLY B 334 -23.24 20.01 -19.59
C GLY B 334 -22.20 18.97 -19.91
N ILE B 335 -22.03 17.96 -19.07
CA ILE B 335 -21.03 16.91 -19.26
C ILE B 335 -21.78 15.77 -19.93
N THR B 336 -21.84 15.82 -21.26
CA THR B 336 -22.82 15.06 -22.02
C THR B 336 -22.26 13.82 -22.70
N CYS B 337 -20.95 13.61 -22.70
CA CYS B 337 -20.34 12.49 -23.43
C CYS B 337 -19.18 11.89 -22.64
N GLY B 338 -19.45 11.47 -21.40
CA GLY B 338 -18.44 10.77 -20.62
C GLY B 338 -17.22 11.62 -20.31
N GLY B 339 -16.05 10.99 -20.36
CA GLY B 339 -14.83 11.64 -19.93
C GLY B 339 -14.59 11.45 -18.45
N ALA B 340 -13.65 12.22 -17.92
CA ALA B 340 -13.31 12.12 -16.50
C ALA B 340 -12.82 13.46 -15.98
N ALA B 341 -13.15 13.73 -14.72
CA ALA B 341 -12.73 14.95 -14.04
C ALA B 341 -11.63 14.59 -13.04
N SER B 342 -10.53 15.34 -13.09
CA SER B 342 -9.37 15.05 -12.26
C SER B 342 -9.13 16.20 -11.28
N THR B 343 -8.58 15.85 -10.12
CA THR B 343 -8.41 16.81 -9.05
C THR B 343 -7.36 16.28 -8.08
N ASP B 344 -6.85 17.17 -7.24
CA ASP B 344 -6.01 16.76 -6.12
C ASP B 344 -6.82 16.52 -4.85
N LEU B 345 -8.13 16.75 -4.88
CA LEU B 345 -8.99 16.39 -3.77
C LEU B 345 -8.99 14.87 -3.59
N PRO B 346 -9.31 14.39 -2.39
CA PRO B 346 -9.19 12.95 -2.10
C PRO B 346 -9.83 12.00 -3.12
N LEU B 347 -10.92 12.40 -3.79
CA LEU B 347 -11.55 11.48 -4.73
C LEU B 347 -10.70 11.27 -5.99
N ARG B 348 -9.75 12.18 -6.28
CA ARG B 348 -8.77 12.12 -7.36
C ARG B 348 -9.38 12.15 -8.76
N THR B 349 -10.18 11.15 -9.11
CA THR B 349 -10.74 11.04 -10.45
C THR B 349 -12.21 10.68 -10.36
N CYS B 350 -13.04 11.43 -11.09
CA CYS B 350 -14.47 11.20 -11.20
C CYS B 350 -14.80 10.84 -12.64
N VAL B 351 -15.30 9.62 -12.87
CA VAL B 351 -15.53 9.08 -14.20
C VAL B 351 -17.02 9.12 -14.52
N TYR B 352 -17.39 9.84 -15.57
CA TYR B 352 -18.78 9.91 -16.00
C TYR B 352 -19.07 8.75 -16.95
N PRO B 353 -20.03 7.88 -16.63
CA PRO B 353 -20.25 6.69 -17.46
C PRO B 353 -20.55 7.04 -18.91
N SER B 354 -19.99 6.24 -19.82
CA SER B 354 -20.31 6.33 -21.23
C SER B 354 -21.55 5.53 -21.61
N TYR B 355 -22.11 4.75 -20.69
CA TYR B 355 -23.18 3.81 -20.99
C TYR B 355 -24.54 4.26 -20.48
N ASN B 356 -24.70 5.53 -20.08
CA ASN B 356 -26.01 6.00 -19.68
C ASN B 356 -26.28 7.41 -20.19
N LEU B 357 -25.66 7.78 -21.32
CA LEU B 357 -25.71 9.16 -21.80
C LEU B 357 -27.12 9.61 -22.15
N GLY B 358 -28.02 8.68 -22.48
CA GLY B 358 -29.35 9.05 -22.92
C GLY B 358 -30.40 8.95 -21.84
N ASP B 359 -30.03 8.42 -20.68
CA ASP B 359 -30.96 8.26 -19.57
C ASP B 359 -31.18 9.60 -18.87
N THR B 360 -32.41 9.80 -18.41
CA THR B 360 -32.79 11.01 -17.69
C THR B 360 -33.36 10.71 -16.31
N GLY B 361 -33.48 9.45 -15.94
CA GLY B 361 -33.87 9.02 -14.61
C GLY B 361 -32.67 8.68 -13.75
N GLU B 362 -32.79 7.60 -12.97
CA GLU B 362 -31.71 7.14 -12.11
C GLU B 362 -30.43 6.91 -12.90
N ALA B 363 -29.30 7.37 -12.35
CA ALA B 363 -28.02 7.23 -13.02
C ALA B 363 -26.92 6.98 -12.00
N VAL B 364 -25.99 6.09 -12.36
CA VAL B 364 -24.79 5.79 -11.57
C VAL B 364 -23.67 6.75 -11.99
N LEU B 365 -22.93 7.25 -11.00
CA LEU B 365 -21.70 7.99 -11.24
C LEU B 365 -20.56 7.23 -10.58
N LEU B 366 -19.48 7.00 -11.33
CA LEU B 366 -18.25 6.48 -10.75
C LEU B 366 -17.51 7.68 -10.14
N ALA B 367 -17.91 8.01 -8.91
CA ALA B 367 -17.50 9.28 -8.32
C ALA B 367 -16.04 9.31 -7.90
N SER B 368 -15.44 8.16 -7.57
CA SER B 368 -14.04 8.14 -7.15
C SER B 368 -13.34 6.90 -7.68
N TYR B 369 -12.23 7.13 -8.38
CA TYR B 369 -11.41 6.05 -8.93
C TYR B 369 -9.96 6.42 -8.63
N THR B 370 -9.30 5.64 -7.78
CA THR B 370 -7.98 6.00 -7.27
C THR B 370 -7.00 4.83 -7.40
N TRP B 371 -5.72 5.18 -7.40
CA TRP B 371 -4.62 4.24 -7.39
CA TRP B 371 -4.61 4.24 -7.39
C TRP B 371 -3.72 4.51 -6.18
N SER B 372 -2.97 3.47 -5.79
CA SER B 372 -1.83 3.63 -4.86
C SER B 372 -2.25 4.20 -3.51
N GLN B 373 -1.48 5.12 -2.92
CA GLN B 373 -1.80 5.66 -1.60
C GLN B 373 -3.15 6.38 -1.58
N ASP B 374 -3.51 7.06 -2.69
CA ASP B 374 -4.85 7.61 -2.81
C ASP B 374 -5.90 6.53 -2.60
N ALA B 375 -5.68 5.34 -3.17
CA ALA B 375 -6.63 4.26 -3.07
C ALA B 375 -6.61 3.63 -1.68
N THR B 376 -5.43 3.56 -1.08
CA THR B 376 -5.34 3.05 0.30
C THR B 376 -6.07 3.98 1.25
N ARG B 377 -5.98 5.29 1.02
CA ARG B 377 -6.64 6.25 1.91
C ARG B 377 -8.16 6.18 1.75
N ILE B 378 -8.66 6.18 0.51
CA ILE B 378 -10.08 5.99 0.30
C ILE B 378 -10.52 4.62 0.79
N GLY B 379 -9.72 3.59 0.49
CA GLY B 379 -10.06 2.23 0.89
C GLY B 379 -10.18 2.04 2.38
N SER B 380 -9.50 2.87 3.19
CA SER B 380 -9.62 2.77 4.64
C SER B 380 -10.99 3.18 5.14
N LEU B 381 -11.80 3.83 4.30
CA LEU B 381 -13.18 4.17 4.62
C LEU B 381 -14.16 3.18 4.02
N VAL B 382 -13.68 2.22 3.24
CA VAL B 382 -14.53 1.22 2.59
C VAL B 382 -14.62 -0.01 3.49
N LYS B 383 -15.82 -0.33 3.95
CA LYS B 383 -16.04 -1.50 4.79
C LYS B 383 -16.88 -2.55 4.08
N ASP B 384 -16.71 -3.81 4.48
CA ASP B 384 -17.55 -4.89 3.99
C ASP B 384 -18.97 -4.78 4.51
N ALA B 385 -19.19 -4.06 5.61
CA ALA B 385 -20.52 -3.81 6.16
C ALA B 385 -20.61 -2.31 6.41
N PRO B 386 -21.06 -1.54 5.42
CA PRO B 386 -21.08 -0.09 5.59
C PRO B 386 -21.92 0.31 6.76
N PRO B 387 -21.61 1.43 7.42
CA PRO B 387 -22.26 1.78 8.68
C PRO B 387 -23.75 2.06 8.50
N GLN B 388 -24.51 1.75 9.55
CA GLN B 388 -25.95 1.98 9.58
C GLN B 388 -26.25 3.47 9.77
N LYS B 391 -26.17 7.90 6.60
CA LYS B 391 -26.28 9.22 7.22
C LYS B 391 -24.96 9.47 7.93
N GLU B 392 -24.40 8.40 8.49
CA GLU B 392 -23.20 8.46 9.31
C GLU B 392 -21.95 8.07 8.53
N ASP B 393 -22.09 7.82 7.24
CA ASP B 393 -21.02 7.25 6.44
C ASP B 393 -20.01 8.34 6.12
N GLU B 394 -18.80 8.22 6.69
CA GLU B 394 -17.74 9.17 6.39
C GLU B 394 -17.44 9.21 4.90
N LEU B 395 -17.39 8.04 4.25
CA LEU B 395 -17.02 7.98 2.85
C LEU B 395 -18.02 8.73 1.98
N VAL B 396 -19.31 8.44 2.15
CA VAL B 396 -20.37 9.13 1.40
C VAL B 396 -20.22 10.64 1.54
N GLU B 397 -20.10 11.10 2.79
CA GLU B 397 -20.00 12.53 3.04
C GLU B 397 -18.77 13.12 2.37
N LEU B 398 -17.64 12.42 2.45
CA LEU B 398 -16.43 12.90 1.79
C LEU B 398 -16.63 13.02 0.28
N ILE B 399 -17.27 12.03 -0.34
CA ILE B 399 -17.47 12.02 -1.78
C ILE B 399 -18.42 13.13 -2.20
N LEU B 400 -19.52 13.31 -1.47
CA LEU B 400 -20.45 14.40 -1.78
C LEU B 400 -19.77 15.75 -1.68
N GLN B 401 -18.91 15.94 -0.67
CA GLN B 401 -18.26 17.23 -0.51
C GLN B 401 -17.26 17.49 -1.64
N ASN B 402 -16.48 16.47 -2.01
CA ASN B 402 -15.52 16.64 -3.09
C ASN B 402 -16.23 16.85 -4.43
N LEU B 403 -17.31 16.10 -4.67
CA LEU B 403 -18.07 16.27 -5.91
C LEU B 403 -18.61 17.70 -6.01
N ALA B 404 -19.02 18.28 -4.88
CA ALA B 404 -19.55 19.64 -4.88
C ALA B 404 -18.45 20.65 -5.19
N ARG B 405 -17.28 20.49 -4.59
CA ARG B 405 -16.16 21.37 -4.92
C ARG B 405 -15.73 21.18 -6.37
N LEU B 406 -15.70 19.93 -6.85
CA LEU B 406 -15.25 19.66 -8.20
C LEU B 406 -16.22 20.21 -9.24
N HIS B 407 -17.51 20.27 -8.92
CA HIS B 407 -18.53 20.78 -9.83
C HIS B 407 -19.10 22.11 -9.35
N ALA B 408 -18.27 22.92 -8.69
CA ALA B 408 -18.72 24.17 -8.08
C ALA B 408 -19.15 25.21 -9.10
N GLU B 409 -18.67 25.11 -10.34
CA GLU B 409 -19.05 26.06 -11.38
C GLU B 409 -20.53 25.97 -11.74
N HIS B 410 -21.20 24.87 -11.40
CA HIS B 410 -22.61 24.69 -11.75
C HIS B 410 -23.47 24.12 -10.64
N MET B 411 -22.90 23.52 -9.60
CA MET B 411 -23.67 22.78 -8.61
C MET B 411 -23.35 23.30 -7.21
N THR B 412 -24.25 23.02 -6.28
CA THR B 412 -24.00 23.20 -4.86
C THR B 412 -23.95 21.86 -4.19
N TYR B 413 -23.37 21.83 -2.99
CA TYR B 413 -23.36 20.62 -2.18
C TYR B 413 -24.79 20.15 -1.89
N GLU B 414 -25.69 21.09 -1.61
CA GLU B 414 -27.05 20.74 -1.23
C GLU B 414 -27.80 20.09 -2.40
N LYS B 415 -27.62 20.62 -3.61
CA LYS B 415 -28.26 20.04 -4.79
C LYS B 415 -27.71 18.66 -5.10
N ILE B 416 -26.39 18.46 -4.96
CA ILE B 416 -25.84 17.12 -5.19
C ILE B 416 -26.33 16.17 -4.11
N LYS B 417 -26.33 16.61 -2.85
CA LYS B 417 -26.80 15.77 -1.76
C LYS B 417 -28.28 15.43 -1.91
N GLU B 418 -29.11 16.39 -2.31
CA GLU B 418 -30.52 16.07 -2.49
C GLU B 418 -30.74 15.10 -3.66
N ALA B 419 -29.89 15.16 -4.69
CA ALA B 419 -30.05 14.23 -5.80
C ALA B 419 -29.58 12.82 -5.47
N TYR B 420 -28.75 12.67 -4.44
CA TYR B 420 -28.22 11.37 -4.04
C TYR B 420 -29.33 10.51 -3.45
N THR B 421 -29.45 9.27 -3.93
CA THR B 421 -30.53 8.37 -3.52
C THR B 421 -30.25 7.67 -2.20
N GLY B 422 -29.02 7.71 -1.69
CA GLY B 422 -28.66 6.94 -0.52
C GLY B 422 -28.12 5.56 -0.82
N VAL B 423 -27.95 5.21 -2.09
CA VAL B 423 -27.42 3.92 -2.50
C VAL B 423 -26.04 4.16 -3.11
N TYR B 424 -25.03 3.47 -2.58
CA TYR B 424 -23.70 3.54 -3.15
C TYR B 424 -23.01 2.21 -2.95
N HIS B 425 -21.90 2.04 -3.64
CA HIS B 425 -21.05 0.88 -3.45
C HIS B 425 -19.60 1.31 -3.63
N ALA B 426 -18.71 0.68 -2.87
CA ALA B 426 -17.28 0.93 -3.01
C ALA B 426 -16.54 -0.39 -2.90
N TYR B 427 -15.31 -0.41 -3.40
CA TYR B 427 -14.50 -1.61 -3.36
C TYR B 427 -13.03 -1.25 -3.42
N CYS B 428 -12.24 -1.84 -2.52
CA CYS B 428 -10.81 -1.63 -2.44
C CYS B 428 -10.12 -2.97 -2.71
N TRP B 429 -9.39 -3.04 -3.82
CA TRP B 429 -8.91 -4.34 -4.29
C TRP B 429 -7.83 -4.95 -3.38
N ALA B 430 -7.06 -4.12 -2.67
CA ALA B 430 -6.08 -4.64 -1.71
C ALA B 430 -6.74 -5.31 -0.50
N ASN B 431 -8.01 -5.00 -0.24
CA ASN B 431 -8.71 -5.68 0.84
C ASN B 431 -9.39 -6.97 0.38
N ASP B 432 -9.37 -7.27 -0.92
CA ASP B 432 -9.93 -8.52 -1.43
C ASP B 432 -9.00 -9.67 -1.08
N PRO B 433 -9.44 -10.66 -0.29
CA PRO B 433 -8.55 -11.78 0.07
C PRO B 433 -8.10 -12.62 -1.12
N ASN B 434 -8.84 -12.59 -2.23
CA ASN B 434 -8.52 -13.39 -3.41
C ASN B 434 -7.59 -12.69 -4.39
N VAL B 435 -7.10 -11.49 -4.07
CA VAL B 435 -6.15 -10.81 -4.94
C VAL B 435 -5.02 -10.20 -4.12
N GLY B 436 -5.37 -9.38 -3.13
CA GLY B 436 -4.36 -8.70 -2.33
C GLY B 436 -3.81 -7.44 -2.97
N GLY B 437 -4.42 -6.98 -4.04
CA GLY B 437 -3.99 -5.77 -4.72
C GLY B 437 -4.86 -5.58 -5.94
N ALA B 438 -4.59 -4.52 -6.69
CA ALA B 438 -5.32 -4.34 -7.93
C ALA B 438 -4.64 -5.03 -9.10
N PHE B 439 -3.35 -4.81 -9.28
CA PHE B 439 -2.64 -5.34 -10.43
C PHE B 439 -1.15 -5.08 -10.24
N ALA B 440 -0.35 -5.87 -10.96
CA ALA B 440 1.09 -5.66 -10.95
C ALA B 440 1.42 -4.26 -11.44
N LEU B 441 2.34 -3.61 -10.74
CA LEU B 441 2.92 -2.35 -11.19
C LEU B 441 4.36 -2.37 -10.66
N PHE B 442 5.30 -2.79 -11.50
CA PHE B 442 6.59 -3.22 -11.02
C PHE B 442 7.46 -2.05 -10.56
N GLY B 443 8.35 -2.34 -9.62
CA GLY B 443 9.35 -1.39 -9.21
C GLY B 443 10.54 -1.40 -10.12
N PRO B 444 11.51 -0.53 -9.82
CA PRO B 444 12.69 -0.39 -10.69
C PRO B 444 13.51 -1.66 -10.72
N GLY B 445 13.81 -2.13 -11.93
CA GLY B 445 14.63 -3.30 -12.11
C GLY B 445 13.91 -4.63 -12.05
N GLN B 446 12.61 -4.64 -11.71
CA GLN B 446 11.90 -5.89 -11.52
C GLN B 446 11.57 -6.56 -12.85
N PHE B 447 11.16 -5.77 -13.85
CA PHE B 447 10.88 -6.33 -15.18
C PHE B 447 12.10 -7.01 -15.76
N SER B 448 13.27 -6.40 -15.63
CA SER B 448 14.45 -6.93 -16.29
C SER B 448 15.19 -7.97 -15.47
N ASN B 449 14.96 -8.04 -14.15
CA ASN B 449 15.68 -8.98 -13.30
C ASN B 449 14.79 -10.06 -12.70
N LEU B 450 13.68 -9.70 -12.05
CA LEU B 450 12.88 -10.70 -11.37
C LEU B 450 11.89 -11.39 -12.31
N TYR B 451 11.25 -10.61 -13.19
CA TYR B 451 10.25 -11.15 -14.12
C TYR B 451 10.72 -12.36 -14.92
N PRO B 452 11.92 -12.36 -15.53
CA PRO B 452 12.35 -13.57 -16.26
C PRO B 452 12.41 -14.82 -15.39
N TYR B 453 12.70 -14.70 -14.09
CA TYR B 453 12.66 -15.88 -13.25
C TYR B 453 11.25 -16.29 -12.89
N LEU B 454 10.30 -15.36 -12.93
CA LEU B 454 8.90 -15.71 -12.69
C LEU B 454 8.39 -16.66 -13.76
N MET B 455 8.84 -16.46 -15.00
CA MET B 455 8.42 -17.27 -16.14
C MET B 455 9.29 -18.49 -16.37
N ARG B 456 10.28 -18.76 -15.52
CA ARG B 456 11.24 -19.82 -15.79
C ARG B 456 10.56 -21.19 -15.65
N PRO B 457 10.91 -22.14 -16.53
CA PRO B 457 10.31 -23.48 -16.43
C PRO B 457 10.52 -24.09 -15.05
N ALA B 458 9.45 -24.71 -14.54
CA ALA B 458 9.48 -25.31 -13.21
C ALA B 458 8.71 -26.63 -13.25
N ALA B 459 9.01 -27.49 -12.28
CA ALA B 459 8.43 -28.82 -12.20
C ALA B 459 8.65 -29.60 -13.50
N GLY B 460 9.83 -29.44 -14.08
CA GLY B 460 10.12 -30.06 -15.37
C GLY B 460 9.22 -29.58 -16.49
N GLY B 461 8.81 -28.32 -16.46
CA GLY B 461 7.91 -27.81 -17.48
C GLY B 461 6.44 -28.15 -17.30
N LYS B 462 6.04 -28.58 -16.11
CA LYS B 462 4.65 -28.95 -15.84
C LYS B 462 3.90 -27.93 -14.99
N PHE B 463 4.56 -26.88 -14.49
CA PHE B 463 3.93 -25.88 -13.64
C PHE B 463 4.08 -24.51 -14.30
N HIS B 464 2.97 -23.77 -14.36
CA HIS B 464 2.93 -22.49 -15.05
C HIS B 464 2.30 -21.42 -14.15
N ILE B 465 2.96 -20.28 -14.06
CA ILE B 465 2.46 -19.12 -13.33
C ILE B 465 1.85 -18.18 -14.37
N VAL B 466 0.53 -18.02 -14.34
CA VAL B 466 -0.25 -17.40 -15.41
C VAL B 466 -1.04 -16.23 -14.84
N GLY B 467 -1.35 -15.26 -15.70
CA GLY B 467 -2.13 -14.10 -15.31
C GLY B 467 -1.47 -12.81 -15.76
N GLU B 468 -2.15 -11.70 -15.45
CA GLU B 468 -1.70 -10.39 -15.91
C GLU B 468 -0.27 -10.10 -15.45
N ALA B 469 0.08 -10.50 -14.22
CA ALA B 469 1.44 -10.24 -13.74
C ALA B 469 2.48 -11.06 -14.48
N SER B 470 2.07 -12.16 -15.13
CA SER B 470 2.97 -12.99 -15.94
C SER B 470 3.02 -12.57 -17.39
N SER B 471 3.05 -11.27 -17.68
CA SER B 471 3.16 -10.80 -19.05
C SER B 471 3.75 -9.39 -19.02
N VAL B 472 3.92 -8.82 -20.22
CA VAL B 472 4.46 -7.47 -20.35
C VAL B 472 3.33 -6.45 -20.43
N HIS B 473 2.09 -6.89 -20.20
CA HIS B 473 0.92 -6.02 -20.28
C HIS B 473 0.14 -6.07 -18.97
N HIS B 474 0.66 -5.37 -17.98
CA HIS B 474 0.03 -5.33 -16.66
C HIS B 474 -1.28 -4.55 -16.69
N ALA B 475 -2.18 -4.94 -15.79
CA ALA B 475 -3.41 -4.21 -15.51
C ALA B 475 -4.34 -4.12 -16.70
N TRP B 476 -4.18 -5.01 -17.67
CA TRP B 476 -5.07 -5.10 -18.82
C TRP B 476 -5.47 -6.56 -19.02
N ILE B 477 -6.67 -6.77 -19.57
CA ILE B 477 -7.11 -8.11 -19.92
C ILE B 477 -6.12 -8.77 -20.87
N ILE B 478 -5.50 -7.98 -21.77
CA ILE B 478 -4.60 -8.56 -22.78
C ILE B 478 -3.47 -9.34 -22.12
N GLY B 479 -2.96 -8.85 -20.99
CA GLY B 479 -1.88 -9.57 -20.32
C GLY B 479 -2.31 -10.94 -19.85
N SER B 480 -3.52 -11.04 -19.31
CA SER B 480 -4.04 -12.33 -18.88
C SER B 480 -4.15 -13.30 -20.06
N LEU B 481 -4.59 -12.80 -21.22
CA LEU B 481 -4.87 -13.70 -22.35
C LEU B 481 -3.58 -14.21 -22.98
N GLU B 482 -2.59 -13.32 -23.17
CA GLU B 482 -1.29 -13.71 -23.71
C GLU B 482 -0.59 -14.72 -22.82
N SER B 483 -0.59 -14.45 -21.52
CA SER B 483 0.02 -15.36 -20.55
C SER B 483 -0.61 -16.75 -20.63
N ALA B 484 -1.95 -16.80 -20.71
CA ALA B 484 -2.66 -18.08 -20.76
C ALA B 484 -2.38 -18.82 -22.06
N TYR B 485 -2.38 -18.10 -23.18
CA TYR B 485 -2.05 -18.71 -24.46
C TYR B 485 -0.63 -19.26 -24.46
N THR B 486 0.33 -18.47 -23.98
CA THR B 486 1.72 -18.91 -23.95
C THR B 486 1.90 -20.15 -23.10
N ALA B 487 1.16 -20.24 -21.99
CA ALA B 487 1.26 -21.41 -21.12
C ALA B 487 0.60 -22.64 -21.74
N VAL B 488 -0.46 -22.46 -22.53
CA VAL B 488 -1.02 -23.60 -23.24
C VAL B 488 -0.05 -24.09 -24.31
N TYR B 489 0.56 -23.15 -25.05
CA TYR B 489 1.64 -23.48 -25.96
C TYR B 489 2.66 -24.39 -25.27
N GLN B 490 3.21 -23.92 -24.14
CA GLN B 490 4.24 -24.67 -23.45
C GLN B 490 3.73 -26.02 -22.97
N PHE B 491 2.46 -26.11 -22.59
CA PHE B 491 1.89 -27.39 -22.18
C PHE B 491 1.84 -28.36 -23.36
N LEU B 492 1.35 -27.90 -24.51
CA LEU B 492 1.31 -28.77 -25.69
C LEU B 492 2.71 -29.16 -26.14
N TYR B 493 3.66 -28.24 -26.03
CA TYR B 493 5.04 -28.53 -26.40
C TYR B 493 5.63 -29.60 -25.49
N LYS B 494 5.45 -29.44 -24.18
CA LYS B 494 6.02 -30.37 -23.21
C LYS B 494 5.61 -31.81 -23.49
N TYR B 495 4.37 -32.03 -23.90
CA TYR B 495 3.89 -33.38 -24.17
C TYR B 495 3.92 -33.72 -25.64
N LYS B 496 4.61 -32.91 -26.45
CA LYS B 496 4.89 -33.22 -27.86
C LYS B 496 3.62 -33.48 -28.66
N MET B 497 2.54 -32.78 -28.32
CA MET B 497 1.28 -32.88 -29.05
C MET B 497 1.33 -31.98 -30.29
N TRP B 498 2.17 -32.39 -31.25
CA TRP B 498 2.51 -31.53 -32.37
C TRP B 498 1.29 -31.19 -33.24
N ASP B 499 0.37 -32.15 -33.41
CA ASP B 499 -0.84 -31.86 -34.18
C ASP B 499 -1.61 -30.71 -33.56
N TYR B 500 -1.80 -30.76 -32.23
CA TYR B 500 -2.60 -29.76 -31.56
C TYR B 500 -1.82 -28.47 -31.31
N LEU B 501 -0.49 -28.56 -31.17
CA LEU B 501 0.32 -27.35 -31.15
C LEU B 501 0.19 -26.59 -32.47
N ARG B 502 0.24 -27.30 -33.60
CA ARG B 502 0.05 -26.65 -34.89
C ARG B 502 -1.35 -26.07 -34.98
N LEU B 503 -2.34 -26.77 -34.44
CA LEU B 503 -3.70 -26.26 -34.44
C LEU B 503 -3.83 -25.05 -33.52
N LEU B 504 -3.12 -25.05 -32.39
CA LEU B 504 -3.17 -23.90 -31.50
C LEU B 504 -2.69 -22.64 -32.22
N LEU B 505 -1.55 -22.74 -32.92
CA LEU B 505 -1.03 -21.59 -33.65
C LEU B 505 -1.93 -21.22 -34.82
N GLU B 506 -2.50 -22.22 -35.50
CA GLU B 506 -3.40 -21.92 -36.62
C GLU B 506 -4.64 -21.18 -36.13
N ARG B 507 -5.19 -21.58 -35.00
CA ARG B 507 -6.47 -21.05 -34.54
C ARG B 507 -6.35 -19.90 -33.55
N TRP B 508 -5.32 -19.87 -32.72
CA TRP B 508 -5.31 -18.97 -31.58
C TRP B 508 -4.17 -17.95 -31.58
N GLN B 509 -3.27 -18.00 -32.55
CA GLN B 509 -2.20 -17.01 -32.63
C GLN B 509 -2.69 -15.78 -33.38
PA FAD C . -1.95 9.19 16.41
O1A FAD C . -1.72 8.12 17.41
O2A FAD C . -2.43 8.76 15.04
O5B FAD C . -2.97 10.23 17.01
C5B FAD C . -3.84 10.98 16.15
C4B FAD C . -5.25 10.90 16.69
O4B FAD C . -6.12 11.73 15.89
C3B FAD C . -5.86 9.50 16.69
O3B FAD C . -6.31 9.17 17.99
C2B FAD C . -6.99 9.59 15.66
O2B FAD C . -8.11 8.79 16.03
C1B FAD C . -7.35 11.07 15.75
N9A FAD C . -8.03 11.62 14.58
C8A FAD C . -7.86 11.26 13.27
N7A FAD C . -8.61 11.94 12.43
C5A FAD C . -9.31 12.82 13.25
C6A FAD C . -10.26 13.82 12.98
N6A FAD C . -10.69 14.12 11.75
N1A FAD C . -10.76 14.51 14.03
C2A FAD C . -10.34 14.22 15.25
N3A FAD C . -9.43 13.31 15.63
C4A FAD C . -8.96 12.64 14.57
N1 FAD C . 6.74 3.86 18.46
C2 FAD C . 7.69 3.53 19.38
O2 FAD C . 8.29 4.41 20.01
N3 FAD C . 8.00 2.20 19.60
C4 FAD C . 7.42 1.12 18.97
O4 FAD C . 7.77 -0.03 19.25
C4X FAD C . 6.42 1.47 17.99
N5 FAD C . 5.81 0.51 17.34
C5X FAD C . 4.83 0.86 16.42
C6 FAD C . 4.17 -0.15 15.72
C7 FAD C . 3.19 0.16 14.79
C7M FAD C . 2.48 -0.95 14.04
C8 FAD C . 2.85 1.50 14.55
C8M FAD C . 1.79 1.86 13.55
C9 FAD C . 3.51 2.51 15.24
C9A FAD C . 4.49 2.20 16.17
N10 FAD C . 5.17 3.20 16.91
C10 FAD C . 6.14 2.87 17.80
C1' FAD C . 4.88 4.62 16.66
C2' FAD C . 3.89 5.24 17.62
O2' FAD C . 2.79 4.36 17.85
C3' FAD C . 3.38 6.55 17.01
O3' FAD C . 4.51 7.31 16.58
C4' FAD C . 2.52 7.44 17.89
O4' FAD C . 1.65 6.62 18.69
C5' FAD C . 1.71 8.38 17.03
O5' FAD C . 1.10 9.38 17.85
P FAD C . 0.39 10.64 17.23
O1P FAD C . 1.41 11.45 16.44
O2P FAD C . -0.35 11.34 18.32
O3P FAD C . -0.62 10.02 16.18
S SO4 D . -14.49 4.40 15.74
O1 SO4 D . -14.96 4.74 17.08
O2 SO4 D . -13.57 3.26 15.82
O3 SO4 D . -15.64 4.06 14.91
O4 SO4 D . -13.79 5.54 15.16
C1 GOL E . 16.36 4.34 31.17
O1 GOL E . 16.30 5.73 31.30
C2 GOL E . 15.10 3.77 31.86
O2 GOL E . 14.27 3.11 30.98
C3 GOL E . 15.64 2.82 32.95
O3 GOL E . 14.52 2.32 33.61
N1 EPE F . 1.91 38.29 32.93
C2 EPE F . 0.57 38.91 33.11
C3 EPE F . 0.45 39.70 34.40
N4 EPE F . 0.99 38.98 35.54
C5 EPE F . 2.28 38.36 35.39
C6 EPE F . 2.31 37.51 34.13
C7 EPE F . 0.39 39.11 36.85
C8 EPE F . 0.39 40.57 37.33
O8 EPE F . 1.65 41.13 37.05
C9 EPE F . 1.81 37.37 31.79
C10 EPE F . 3.10 36.58 31.65
S EPE F . 3.63 36.29 29.95
O1S EPE F . 4.88 37.04 29.76
O2S EPE F . 3.87 34.86 29.72
O3S EPE F . 2.63 36.76 28.99
PA FAD G . -7.69 -12.78 -11.56
O1A FAD G . -7.22 -12.31 -10.24
O2A FAD G . -8.84 -12.00 -12.19
O5B FAD G . -8.13 -14.28 -11.47
C5B FAD G . -7.49 -15.20 -10.55
C4B FAD G . -8.55 -15.98 -9.83
O4B FAD G . -7.92 -16.90 -8.90
C3B FAD G . -9.54 -15.15 -9.01
O3B FAD G . -10.88 -15.43 -9.41
C2B FAD G . -9.26 -15.56 -7.56
O2B FAD G . -10.45 -15.57 -6.77
C1B FAD G . -8.72 -16.98 -7.75
N9A FAD G . -7.89 -17.48 -6.66
C8A FAD G . -7.10 -16.76 -5.81
N7A FAD G . -6.47 -17.49 -4.91
C5A FAD G . -6.87 -18.79 -5.20
C6A FAD G . -6.57 -20.04 -4.63
N6A FAD G . -5.74 -20.19 -3.59
N1A FAD G . -7.15 -21.13 -5.16
C2A FAD G . -7.99 -20.98 -6.19
N3A FAD G . -8.35 -19.87 -6.82
C4A FAD G . -7.76 -18.80 -6.27
N1 FAD G . -8.15 -4.40 -17.73
C2 FAD G . -8.55 -3.87 -18.93
O2 FAD G . -8.27 -4.43 -20.01
N3 FAD G . -9.28 -2.70 -18.95
C4 FAD G . -9.67 -1.96 -17.84
O4 FAD G . -10.32 -0.94 -17.98
C4X FAD G . -9.23 -2.54 -16.58
N5 FAD G . -9.55 -1.92 -15.47
C5X FAD G . -9.15 -2.48 -14.27
C6 FAD G . -9.48 -1.84 -13.07
C7 FAD G . -9.10 -2.37 -11.84
C7M FAD G . -9.47 -1.65 -10.57
C8 FAD G . -8.36 -3.56 -11.81
C8M FAD G . -7.93 -4.17 -10.50
C9 FAD G . -8.03 -4.20 -12.99
C9A FAD G . -8.41 -3.67 -14.22
N10 FAD G . -8.10 -4.31 -15.43
C10 FAD G . -8.48 -3.76 -16.64
C1' FAD G . -7.29 -5.53 -15.45
C2' FAD G . -8.09 -6.82 -15.53
O2' FAD G . -9.21 -6.77 -14.65
C3' FAD G . -7.17 -7.96 -15.12
O3' FAD G . -5.91 -7.78 -15.76
C4' FAD G . -7.62 -9.39 -15.39
O4' FAD G . -9.01 -9.54 -15.07
C5' FAD G . -6.79 -10.34 -14.55
O5' FAD G . -7.33 -11.67 -14.65
P FAD G . -6.50 -12.91 -14.16
O1P FAD G . -7.28 -14.17 -14.53
O2P FAD G . -5.10 -12.71 -14.70
O3P FAD G . -6.46 -12.78 -12.58
S SO4 H . -15.64 -15.17 -0.93
O1 SO4 H . -16.02 -14.78 0.42
O2 SO4 H . -14.30 -15.74 -0.90
O3 SO4 H . -15.67 -14.01 -1.81
O4 SO4 H . -16.58 -16.17 -1.42
C1 GOL I . -14.93 -3.60 -32.26
O1 GOL I . -15.99 -3.10 -33.03
C2 GOL I . -13.61 -3.20 -32.98
O2 GOL I . -12.73 -2.50 -32.18
C3 GOL I . -13.01 -4.53 -33.46
O3 GOL I . -11.68 -4.26 -33.85
N1 EPE J . -2.77 -38.37 -32.63
C2 EPE J . -3.05 -38.19 -34.06
C3 EPE J . -4.25 -39.05 -34.48
N4 EPE J . -4.05 -40.42 -34.09
C5 EPE J . -3.62 -40.68 -32.73
C6 EPE J . -2.45 -39.78 -32.32
C7 EPE J . -3.96 -41.46 -35.10
C8 EPE J . -3.34 -40.97 -36.41
O8 EPE J . -1.93 -40.91 -36.31
C9 EPE J . -1.59 -37.55 -32.30
C10 EPE J . -2.04 -36.15 -31.90
S EPE J . -0.66 -35.07 -31.45
O1S EPE J . -0.01 -35.65 -30.28
O2S EPE J . 0.29 -34.97 -32.55
O3S EPE J . -1.16 -33.74 -31.14
#